data_2LI9
#
_entry.id   2LI9
#
loop_
_entity.id
_entity.type
_entity.pdbx_description
1 polymer 'Amyloid beta A4 protein'
2 non-polymer 'ZINC ION'
#
_entity_poly.entity_id   1
_entity_poly.type   'polypeptide(L)'
_entity_poly.pdbx_seq_one_letter_code
;(ACE)DAEFGHDSGFEVRHQK(NH2)
;
_entity_poly.pdbx_strand_id   A,B
#
# COMPACT_ATOMS: atom_id res chain seq x y z
N ASP A 2 9.29 -0.17 -7.61
CA ASP A 2 8.99 1.04 -6.84
C ASP A 2 7.50 1.12 -6.45
N ALA A 3 7.22 1.76 -5.30
CA ALA A 3 5.87 2.07 -4.83
C ALA A 3 5.82 3.13 -3.71
N GLU A 4 6.92 3.40 -2.99
CA GLU A 4 6.92 4.19 -1.74
C GLU A 4 6.65 5.68 -1.92
N PHE A 5 6.69 6.19 -3.17
CA PHE A 5 6.24 7.53 -3.53
C PHE A 5 4.76 7.78 -3.19
N GLY A 6 3.98 6.70 -2.98
CA GLY A 6 2.65 6.75 -2.40
C GLY A 6 2.46 5.77 -1.24
N HIS A 7 3.35 4.78 -1.08
CA HIS A 7 3.21 3.70 -0.10
C HIS A 7 3.98 4.00 1.19
N ASP A 8 3.21 4.02 2.28
CA ASP A 8 3.67 3.98 3.67
C ASP A 8 3.50 2.54 4.20
N SER A 9 2.26 2.05 4.26
CA SER A 9 1.90 0.68 4.57
C SER A 9 0.62 0.35 3.77
N GLY A 10 -0.44 -0.17 4.40
CA GLY A 10 -1.73 -0.36 3.73
C GLY A 10 -2.41 -1.70 4.00
N PHE A 11 -2.00 -2.45 5.03
CA PHE A 11 -2.38 -3.86 5.24
C PHE A 11 -3.78 -4.07 5.85
N GLU A 12 -4.32 -3.09 6.58
CA GLU A 12 -5.64 -3.13 7.24
C GLU A 12 -6.07 -1.70 7.51
N VAL A 13 -5.22 -0.95 8.21
CA VAL A 13 -5.04 0.48 7.97
C VAL A 13 -4.79 0.69 6.47
N ARG A 14 -5.52 1.62 5.85
CA ARG A 14 -5.29 2.04 4.47
C ARG A 14 -4.24 3.16 4.45
N HIS A 15 -3.56 3.31 3.29
CA HIS A 15 -2.53 4.31 2.99
C HIS A 15 -2.84 5.66 3.63
N GLN A 16 -1.85 6.18 4.36
CA GLN A 16 -1.98 7.29 5.31
C GLN A 16 -1.50 8.61 4.72
N LYS A 17 -0.62 8.58 3.70
CA LYS A 17 -0.02 9.76 3.10
C LYS A 17 -0.98 10.38 2.09
N ASP B 2 11.92 -0.65 -2.44
CA ASP B 2 10.69 -1.16 -3.02
C ASP B 2 9.65 -1.50 -1.93
N ALA B 3 8.40 -1.60 -2.36
CA ALA B 3 7.27 -2.18 -1.64
C ALA B 3 6.31 -2.90 -2.60
N GLU B 4 6.52 -2.81 -3.93
CA GLU B 4 5.70 -3.35 -5.01
C GLU B 4 5.51 -4.88 -4.93
N PHE B 5 6.45 -5.61 -4.32
CA PHE B 5 6.36 -7.05 -4.07
C PHE B 5 5.12 -7.45 -3.27
N GLY B 6 4.59 -6.54 -2.45
CA GLY B 6 3.35 -6.68 -1.70
C GLY B 6 2.37 -5.54 -1.93
N HIS B 7 2.73 -4.51 -2.72
CA HIS B 7 1.88 -3.36 -3.01
C HIS B 7 1.27 -3.50 -4.41
N ASP B 8 -0.05 -3.52 -4.41
CA ASP B 8 -0.95 -3.43 -5.56
C ASP B 8 -1.77 -2.14 -5.52
N SER B 9 -2.06 -1.65 -4.31
CA SER B 9 -2.92 -0.52 -3.97
C SER B 9 -2.88 -0.35 -2.44
N GLY B 10 -4.03 -0.15 -1.79
CA GLY B 10 -4.13 0.03 -0.34
C GLY B 10 -4.86 1.31 0.06
N PHE B 11 -5.50 2.01 -0.90
CA PHE B 11 -6.07 3.35 -0.71
C PHE B 11 -7.54 3.37 -0.28
N GLU B 12 -8.27 2.26 -0.36
CA GLU B 12 -9.74 2.20 -0.17
C GLU B 12 -10.12 0.76 0.11
N VAL B 13 -9.72 -0.15 -0.78
CA VAL B 13 -9.36 -1.52 -0.44
C VAL B 13 -8.00 -1.46 0.27
N ARG B 14 -7.75 -2.34 1.26
CA ARG B 14 -6.39 -2.56 1.77
C ARG B 14 -5.60 -3.46 0.80
N HIS B 15 -4.32 -3.71 1.10
CA HIS B 15 -3.40 -4.51 0.30
C HIS B 15 -3.98 -5.88 -0.04
N GLN B 16 -3.93 -6.24 -1.32
CA GLN B 16 -4.45 -7.47 -1.88
C GLN B 16 -3.30 -8.41 -2.28
N LYS B 17 -2.19 -7.84 -2.76
CA LYS B 17 -0.90 -8.54 -2.93
C LYS B 17 -0.12 -8.58 -1.60
N ASP A 2 8.29 -0.41 -7.89
CA ASP A 2 8.38 0.84 -7.14
C ASP A 2 6.98 1.23 -6.61
N ALA A 3 6.92 1.86 -5.44
CA ALA A 3 5.67 2.25 -4.80
C ALA A 3 5.84 3.28 -3.68
N GLU A 4 7.04 3.40 -3.06
CA GLU A 4 7.25 4.12 -1.80
C GLU A 4 7.03 5.63 -1.92
N PHE A 5 7.10 6.17 -3.15
CA PHE A 5 6.69 7.53 -3.49
C PHE A 5 5.26 7.86 -3.02
N GLY A 6 4.40 6.85 -2.88
CA GLY A 6 3.04 6.97 -2.37
C GLY A 6 2.67 5.89 -1.34
N HIS A 7 3.64 5.09 -0.85
CA HIS A 7 3.41 3.97 0.07
C HIS A 7 4.25 4.12 1.35
N ASP A 8 3.57 3.86 2.49
CA ASP A 8 4.19 3.58 3.78
C ASP A 8 3.69 2.24 4.36
N SER A 9 2.45 1.85 4.02
CA SER A 9 1.71 0.77 4.65
C SER A 9 0.50 0.43 3.76
N GLY A 10 -0.62 0.03 4.36
CA GLY A 10 -1.88 -0.13 3.65
C GLY A 10 -2.47 -1.53 3.75
N PHE A 11 -2.08 -2.35 4.74
CA PHE A 11 -2.43 -3.77 4.83
C PHE A 11 -3.75 -4.11 5.54
N GLU A 12 -4.34 -3.17 6.29
CA GLU A 12 -5.57 -3.29 7.08
C GLU A 12 -5.93 -1.88 7.57
N VAL A 13 -4.95 -1.22 8.20
CA VAL A 13 -4.63 0.19 7.97
C VAL A 13 -4.70 0.47 6.46
N ARG A 14 -5.31 1.58 6.03
CA ARG A 14 -5.26 1.99 4.61
C ARG A 14 -4.07 2.93 4.38
N HIS A 15 -3.80 3.26 3.10
CA HIS A 15 -2.75 4.18 2.72
C HIS A 15 -2.87 5.51 3.46
N GLN A 16 -1.78 5.94 4.09
CA GLN A 16 -1.74 7.09 4.97
C GLN A 16 -1.23 8.34 4.23
N LYS A 17 -1.21 9.47 4.94
CA LYS A 17 -0.84 10.79 4.41
C LYS A 17 0.25 11.37 5.31
N ASP B 2 11.72 -1.02 -2.90
CA ASP B 2 10.40 -1.44 -3.40
C ASP B 2 9.41 -1.64 -2.24
N ALA B 3 8.12 -1.65 -2.57
CA ALA B 3 7.04 -2.20 -1.75
C ALA B 3 6.02 -2.99 -2.59
N GLU B 4 6.11 -2.92 -3.94
CA GLU B 4 5.18 -3.50 -4.91
C GLU B 4 5.04 -5.02 -4.77
N PHE B 5 6.05 -5.71 -4.22
CA PHE B 5 6.02 -7.14 -3.87
C PHE B 5 4.82 -7.53 -2.98
N GLY B 6 4.29 -6.58 -2.20
CA GLY B 6 3.07 -6.72 -1.44
C GLY B 6 2.19 -5.47 -1.49
N HIS B 7 2.42 -4.54 -2.44
CA HIS B 7 1.59 -3.36 -2.71
C HIS B 7 1.01 -3.51 -4.12
N ASP B 8 -0.32 -3.58 -4.21
CA ASP B 8 -1.08 -3.41 -5.45
C ASP B 8 -1.64 -1.97 -5.49
N SER B 9 -2.20 -1.54 -4.35
CA SER B 9 -2.52 -0.16 -4.02
C SER B 9 -2.66 -0.07 -2.50
N GLY B 10 -3.87 -0.22 -1.95
CA GLY B 10 -4.16 -0.08 -0.53
C GLY B 10 -5.01 1.14 -0.20
N PHE B 11 -5.78 1.64 -1.17
CA PHE B 11 -6.77 2.72 -1.02
C PHE B 11 -7.98 2.26 -0.18
N GLU B 12 -9.23 2.35 -0.66
CA GLU B 12 -10.41 2.03 0.16
C GLU B 12 -10.54 0.53 0.47
N VAL B 13 -10.01 -0.34 -0.39
CA VAL B 13 -9.60 -1.70 -0.05
C VAL B 13 -8.10 -1.68 0.25
N ARG B 14 -7.68 -2.45 1.27
CA ARG B 14 -6.29 -2.61 1.65
C ARG B 14 -5.51 -3.47 0.64
N HIS B 15 -4.20 -3.63 0.89
CA HIS B 15 -3.26 -4.43 0.12
C HIS B 15 -3.77 -5.84 -0.14
N GLN B 16 -3.81 -6.22 -1.41
CA GLN B 16 -4.19 -7.54 -1.91
C GLN B 16 -2.92 -8.28 -2.30
N LYS B 17 -2.71 -9.46 -1.70
CA LYS B 17 -1.46 -10.20 -1.78
C LYS B 17 -1.66 -11.63 -1.29
N ASP A 2 9.72 -0.09 -7.31
CA ASP A 2 9.34 1.24 -6.83
C ASP A 2 7.84 1.28 -6.49
N ALA A 3 7.53 1.91 -5.34
CA ALA A 3 6.16 2.11 -4.85
C ALA A 3 6.11 3.11 -3.69
N GLU A 4 7.20 3.27 -2.94
CA GLU A 4 7.30 4.10 -1.72
C GLU A 4 7.43 5.61 -1.99
N PHE A 5 7.31 6.03 -3.26
CA PHE A 5 6.96 7.39 -3.63
C PHE A 5 5.50 7.74 -3.24
N GLY A 6 4.67 6.73 -2.97
CA GLY A 6 3.27 6.86 -2.60
C GLY A 6 2.76 5.71 -1.72
N HIS A 7 3.64 4.97 -1.03
CA HIS A 7 3.28 3.85 -0.17
C HIS A 7 3.75 4.07 1.27
N ASP A 8 2.76 3.97 2.17
CA ASP A 8 2.87 3.47 3.53
C ASP A 8 2.16 2.10 3.58
N SER A 9 2.37 1.35 4.68
CA SER A 9 2.01 -0.06 4.83
C SER A 9 0.66 -0.46 4.22
N GLY A 10 -0.45 0.02 4.79
CA GLY A 10 -1.79 -0.10 4.23
C GLY A 10 -2.51 -1.42 4.54
N PHE A 11 -2.04 -2.24 5.50
CA PHE A 11 -2.46 -3.63 5.67
C PHE A 11 -3.88 -3.88 6.21
N GLU A 12 -4.54 -2.91 6.85
CA GLU A 12 -5.92 -3.04 7.33
C GLU A 12 -6.54 -1.66 7.59
N VAL A 13 -5.84 -0.80 8.34
CA VAL A 13 -5.92 0.63 8.06
C VAL A 13 -5.26 0.81 6.69
N ARG A 14 -5.95 1.53 5.79
CA ARG A 14 -5.51 1.77 4.41
C ARG A 14 -4.25 2.64 4.38
N HIS A 15 -3.79 3.00 3.17
CA HIS A 15 -2.80 4.05 2.99
C HIS A 15 -3.28 5.33 3.71
N GLN A 16 -2.35 5.95 4.42
CA GLN A 16 -2.55 7.18 5.17
C GLN A 16 -1.59 8.22 4.59
N LYS A 17 -2.15 9.34 4.12
CA LYS A 17 -1.38 10.42 3.50
C LYS A 17 -2.02 11.80 3.67
N ASP B 2 11.86 -1.11 -1.23
CA ASP B 2 10.73 -1.45 -2.07
C ASP B 2 9.49 -1.84 -1.24
N ALA B 3 8.32 -1.81 -1.90
CA ALA B 3 7.05 -2.34 -1.44
C ALA B 3 6.23 -2.95 -2.58
N GLU B 4 6.71 -2.88 -3.83
CA GLU B 4 5.99 -3.27 -5.05
C GLU B 4 5.63 -4.77 -5.10
N PHE B 5 6.36 -5.63 -4.36
CA PHE B 5 6.11 -7.07 -4.22
C PHE B 5 4.73 -7.41 -3.64
N GLY B 6 4.01 -6.43 -3.07
CA GLY B 6 2.61 -6.54 -2.67
C GLY B 6 1.81 -5.27 -2.94
N HIS B 7 2.44 -4.21 -3.46
CA HIS B 7 1.77 -2.95 -3.77
C HIS B 7 1.35 -2.91 -5.24
N ASP B 8 0.03 -2.83 -5.44
CA ASP B 8 -0.61 -2.19 -6.58
C ASP B 8 -1.42 -0.97 -6.11
N SER B 9 -1.84 -0.96 -4.84
CA SER B 9 -2.69 0.04 -4.20
C SER B 9 -2.68 -0.14 -2.68
N GLY B 10 -3.86 -0.27 -2.05
CA GLY B 10 -4.02 -0.35 -0.61
C GLY B 10 -4.72 0.88 -0.02
N PHE B 11 -5.37 1.71 -0.84
CA PHE B 11 -5.93 3.02 -0.46
C PHE B 11 -7.46 3.06 -0.22
N GLU B 12 -8.22 2.02 -0.60
CA GLU B 12 -9.65 1.89 -0.23
C GLU B 12 -10.06 0.41 -0.08
N VAL B 13 -9.49 -0.47 -0.89
CA VAL B 13 -9.10 -1.82 -0.49
C VAL B 13 -7.82 -1.68 0.35
N ARG B 14 -7.58 -2.58 1.31
CA ARG B 14 -6.30 -2.66 2.02
C ARG B 14 -5.30 -3.56 1.25
N HIS B 15 -4.05 -3.63 1.71
CA HIS B 15 -3.05 -4.56 1.17
C HIS B 15 -3.52 -5.99 1.42
N GLN B 16 -3.90 -6.67 0.34
CA GLN B 16 -4.75 -7.86 0.35
C GLN B 16 -4.03 -9.11 0.87
N LYS B 17 -2.71 -9.21 0.67
CA LYS B 17 -1.91 -10.37 1.08
C LYS B 17 -0.44 -9.97 1.23
N ASP A 2 9.04 1.50 -8.17
CA ASP A 2 8.59 2.53 -7.22
C ASP A 2 7.17 2.24 -6.69
N ALA A 3 6.89 2.69 -5.46
CA ALA A 3 5.58 2.67 -4.82
C ALA A 3 5.49 3.59 -3.58
N GLU A 4 6.62 3.87 -2.89
CA GLU A 4 6.64 4.52 -1.58
C GLU A 4 6.46 6.04 -1.60
N PHE A 5 6.19 6.64 -2.77
CA PHE A 5 5.60 7.98 -2.88
C PHE A 5 4.21 8.03 -2.21
N GLY A 6 3.50 6.90 -2.18
CA GLY A 6 2.20 6.72 -1.54
C GLY A 6 2.18 5.57 -0.53
N HIS A 7 3.11 4.61 -0.63
CA HIS A 7 3.15 3.45 0.25
C HIS A 7 3.92 3.78 1.52
N ASP A 8 3.15 4.02 2.59
CA ASP A 8 3.57 3.89 3.98
C ASP A 8 3.55 2.40 4.33
N SER A 9 2.35 1.80 4.32
CA SER A 9 2.11 0.37 4.34
C SER A 9 0.70 0.14 3.81
N GLY A 10 -0.29 0.23 4.70
CA GLY A 10 -1.71 0.19 4.39
C GLY A 10 -2.29 -1.23 4.48
N PHE A 11 -1.94 -2.01 5.51
CA PHE A 11 -2.33 -3.42 5.64
C PHE A 11 -3.74 -3.68 6.20
N GLU A 12 -4.39 -2.71 6.88
CA GLU A 12 -5.69 -2.87 7.51
C GLU A 12 -6.41 -1.52 7.60
N VAL A 13 -5.70 -0.49 8.09
CA VAL A 13 -5.89 0.87 7.61
C VAL A 13 -5.41 0.86 6.16
N ARG A 14 -6.03 1.62 5.26
CA ARG A 14 -5.50 1.83 3.91
C ARG A 14 -4.24 2.70 3.96
N HIS A 15 -3.60 2.95 2.80
CA HIS A 15 -2.45 3.85 2.68
C HIS A 15 -2.77 5.17 3.38
N GLN A 16 -2.06 5.50 4.46
CA GLN A 16 -2.25 6.73 5.21
C GLN A 16 -1.55 7.92 4.53
N LYS A 17 -0.51 7.65 3.73
CA LYS A 17 0.27 8.63 2.97
C LYS A 17 0.14 8.38 1.46
N ASP B 2 11.53 0.69 -1.95
CA ASP B 2 10.34 0.24 -2.64
C ASP B 2 9.37 -0.54 -1.74
N ALA B 3 8.25 -0.92 -2.36
CA ALA B 3 7.21 -1.78 -1.83
C ALA B 3 6.49 -2.56 -2.94
N GLU B 4 6.59 -2.11 -4.21
CA GLU B 4 5.93 -2.66 -5.39
C GLU B 4 6.22 -4.15 -5.62
N PHE B 5 7.29 -4.68 -5.02
CA PHE B 5 7.65 -6.10 -5.04
C PHE B 5 6.55 -7.01 -4.48
N GLY B 6 5.68 -6.50 -3.59
CA GLY B 6 4.51 -7.19 -3.07
C GLY B 6 3.25 -6.34 -3.10
N HIS B 7 3.36 -5.02 -3.28
CA HIS B 7 2.25 -4.08 -3.16
C HIS B 7 1.28 -4.25 -4.33
N ASP B 8 0.02 -4.53 -3.98
CA ASP B 8 -1.10 -4.57 -4.90
C ASP B 8 -1.51 -3.13 -5.22
N SER B 9 -2.11 -2.45 -4.23
CA SER B 9 -2.36 -1.03 -4.14
C SER B 9 -2.68 -0.73 -2.68
N GLY B 10 -3.93 -0.97 -2.27
CA GLY B 10 -4.36 -0.82 -0.88
C GLY B 10 -4.54 0.64 -0.48
N PHE B 11 -5.04 1.48 -1.41
CA PHE B 11 -5.17 2.92 -1.26
C PHE B 11 -6.57 3.43 -0.86
N GLU B 12 -7.67 2.75 -1.27
CA GLU B 12 -9.05 3.13 -0.91
C GLU B 12 -9.63 2.13 0.10
N VAL B 13 -9.57 0.84 -0.23
CA VAL B 13 -9.56 -0.28 0.71
C VAL B 13 -8.09 -0.55 1.07
N ARG B 14 -7.82 -1.26 2.17
CA ARG B 14 -6.47 -1.72 2.53
C ARG B 14 -5.90 -2.70 1.49
N HIS B 15 -4.62 -3.09 1.66
CA HIS B 15 -3.95 -4.11 0.85
C HIS B 15 -4.80 -5.39 0.78
N GLN B 16 -4.86 -5.99 -0.40
CA GLN B 16 -5.82 -7.05 -0.75
C GLN B 16 -5.17 -8.40 -1.05
N LYS B 17 -3.90 -8.43 -1.48
CA LYS B 17 -3.27 -9.62 -2.06
C LYS B 17 -2.05 -10.04 -1.22
N ASP A 2 9.37 -0.54 -7.55
CA ASP A 2 9.16 0.31 -6.38
C ASP A 2 7.70 0.80 -6.27
N ALA A 3 7.38 1.46 -5.15
CA ALA A 3 6.04 1.93 -4.88
C ALA A 3 5.95 3.01 -3.81
N GLU A 4 6.98 3.19 -2.96
CA GLU A 4 6.93 4.01 -1.75
C GLU A 4 6.77 5.51 -2.02
N PHE A 5 7.02 5.94 -3.27
CA PHE A 5 6.68 7.27 -3.78
C PHE A 5 5.16 7.58 -3.69
N GLY A 6 4.32 6.54 -3.59
CA GLY A 6 2.89 6.60 -3.37
C GLY A 6 2.39 5.58 -2.35
N HIS A 7 3.28 5.05 -1.49
CA HIS A 7 2.97 4.02 -0.49
C HIS A 7 3.65 4.32 0.84
N ASP A 8 2.87 4.10 1.91
CA ASP A 8 3.28 4.16 3.31
C ASP A 8 2.90 2.89 4.06
N SER A 9 1.81 2.22 3.64
CA SER A 9 1.09 1.23 4.45
C SER A 9 0.10 0.46 3.56
N GLY A 10 -1.07 0.09 4.07
CA GLY A 10 -2.06 -0.72 3.35
C GLY A 10 -2.13 -2.16 3.86
N PHE A 11 -1.51 -2.50 4.99
CA PHE A 11 -1.30 -3.88 5.40
C PHE A 11 -2.40 -4.47 6.30
N GLU A 12 -3.19 -3.65 7.01
CA GLU A 12 -4.50 -4.01 7.57
C GLU A 12 -5.33 -2.74 7.77
N VAL A 13 -4.71 -1.69 8.32
CA VAL A 13 -5.02 -0.31 8.00
C VAL A 13 -4.75 -0.13 6.51
N ARG A 14 -5.58 0.64 5.81
CA ARG A 14 -5.30 1.08 4.44
C ARG A 14 -4.18 2.16 4.46
N HIS A 15 -3.81 2.70 3.29
CA HIS A 15 -2.85 3.79 3.16
C HIS A 15 -3.31 4.97 4.01
N GLN A 16 -2.45 5.40 4.93
CA GLN A 16 -2.71 6.55 5.77
C GLN A 16 -2.39 7.85 5.03
N LYS A 17 -1.54 7.81 3.98
CA LYS A 17 -1.32 8.90 3.05
C LYS A 17 -2.55 9.05 2.14
N ASP B 2 12.24 -1.07 -1.85
CA ASP B 2 11.01 -1.49 -2.52
C ASP B 2 9.87 -1.72 -1.52
N ALA B 3 8.67 -1.95 -2.07
CA ALA B 3 7.45 -2.25 -1.33
C ALA B 3 6.42 -2.98 -2.20
N GLU B 4 6.60 -2.98 -3.54
CA GLU B 4 5.64 -3.45 -4.54
C GLU B 4 5.40 -4.97 -4.50
N PHE B 5 6.23 -5.73 -3.78
CA PHE B 5 6.00 -7.14 -3.44
C PHE B 5 4.74 -7.34 -2.58
N GLY B 6 4.41 -6.35 -1.73
CA GLY B 6 3.21 -6.33 -0.90
C GLY B 6 2.21 -5.26 -1.39
N HIS B 7 2.71 -4.18 -2.01
CA HIS B 7 1.91 -3.09 -2.55
C HIS B 7 1.45 -3.45 -3.96
N ASP B 8 0.14 -3.66 -4.06
CA ASP B 8 -0.64 -3.80 -5.29
C ASP B 8 -1.51 -2.55 -5.51
N SER B 9 -1.86 -1.86 -4.42
CA SER B 9 -2.76 -0.71 -4.32
C SER B 9 -2.72 -0.20 -2.88
N GLY B 10 -3.86 0.22 -2.31
CA GLY B 10 -4.02 0.32 -0.87
C GLY B 10 -4.74 1.57 -0.39
N PHE B 11 -5.27 2.42 -1.27
CA PHE B 11 -5.87 3.72 -0.94
C PHE B 11 -7.01 3.62 0.09
N GLU B 12 -8.15 3.02 -0.27
CA GLU B 12 -9.32 2.85 0.60
C GLU B 12 -9.54 1.35 0.82
N VAL B 13 -9.77 0.59 -0.26
CA VAL B 13 -9.40 -0.83 -0.28
C VAL B 13 -7.90 -0.89 -0.01
N ARG B 14 -7.49 -1.73 0.94
CA ARG B 14 -6.11 -1.89 1.36
C ARG B 14 -5.35 -2.79 0.35
N HIS B 15 -4.23 -3.39 0.77
CA HIS B 15 -3.50 -4.34 -0.04
C HIS B 15 -4.34 -5.60 -0.24
N GLN B 16 -4.63 -5.89 -1.51
CA GLN B 16 -5.47 -7.00 -1.94
C GLN B 16 -4.58 -8.19 -2.27
N LYS B 17 -5.02 -9.38 -1.85
CA LYS B 17 -4.16 -10.55 -1.69
C LYS B 17 -4.92 -11.79 -2.17
N ASP A 2 9.40 2.01 -6.18
CA ASP A 2 8.12 2.29 -6.82
C ASP A 2 6.97 2.23 -5.82
N ALA A 3 5.99 3.14 -6.05
CA ALA A 3 4.72 3.32 -5.35
C ALA A 3 4.83 4.09 -4.03
N GLU A 4 6.04 4.28 -3.46
CA GLU A 4 6.21 4.86 -2.12
C GLU A 4 5.78 6.33 -2.03
N PHE A 5 5.55 7.01 -3.16
CA PHE A 5 4.95 8.35 -3.20
C PHE A 5 3.57 8.40 -2.52
N GLY A 6 2.85 7.27 -2.49
CA GLY A 6 1.58 7.12 -1.78
C GLY A 6 1.53 5.91 -0.85
N HIS A 7 2.55 5.04 -0.87
CA HIS A 7 2.66 3.85 -0.04
C HIS A 7 3.65 4.11 1.10
N ASP A 8 3.20 3.81 2.31
CA ASP A 8 4.01 3.61 3.50
C ASP A 8 4.02 2.12 3.84
N SER A 9 2.82 1.55 3.83
CA SER A 9 2.43 0.20 4.17
C SER A 9 1.09 0.01 3.48
N GLY A 10 0.07 -0.48 4.19
CA GLY A 10 -1.30 -0.49 3.70
C GLY A 10 -1.92 -1.88 3.73
N PHE A 11 -1.55 -2.72 4.70
CA PHE A 11 -1.90 -4.15 4.72
C PHE A 11 -3.35 -4.43 5.15
N GLU A 12 -3.85 -3.88 6.27
CA GLU A 12 -5.27 -3.99 6.65
C GLU A 12 -5.84 -2.61 7.01
N VAL A 13 -5.03 -1.78 7.68
CA VAL A 13 -5.06 -0.34 7.53
C VAL A 13 -4.67 -0.04 6.08
N ARG A 14 -5.25 0.99 5.46
CA ARG A 14 -4.82 1.46 4.13
C ARG A 14 -3.67 2.47 4.26
N HIS A 15 -3.24 3.06 3.14
CA HIS A 15 -2.11 3.99 3.04
C HIS A 15 -2.31 5.19 3.97
N GLN A 16 -1.30 5.46 4.81
CA GLN A 16 -1.36 6.42 5.91
C GLN A 16 -0.61 7.72 5.57
N LYS A 17 -0.51 8.12 4.30
CA LYS A 17 0.20 9.35 3.88
C LYS A 17 -0.44 10.65 4.41
N ASP B 2 11.50 -0.26 -2.26
CA ASP B 2 10.45 -1.23 -2.59
C ASP B 2 9.15 -0.95 -1.81
N ALA B 3 8.07 -1.55 -2.32
CA ALA B 3 6.72 -1.56 -1.75
C ALA B 3 6.03 -2.89 -2.05
N GLU B 4 6.30 -3.46 -3.24
CA GLU B 4 5.53 -4.51 -3.91
C GLU B 4 5.68 -5.91 -3.31
N PHE B 5 6.53 -6.07 -2.27
CA PHE B 5 6.53 -7.24 -1.39
C PHE B 5 5.14 -7.59 -0.84
N GLY B 6 4.26 -6.58 -0.71
CA GLY B 6 2.83 -6.78 -0.52
C GLY B 6 2.02 -5.55 -0.93
N HIS B 7 2.57 -4.65 -1.76
CA HIS B 7 1.81 -3.61 -2.44
C HIS B 7 1.29 -4.12 -3.78
N ASP B 8 0.01 -3.83 -4.00
CA ASP B 8 -0.73 -3.98 -5.25
C ASP B 8 -1.59 -2.73 -5.53
N SER B 9 -1.92 -2.00 -4.46
CA SER B 9 -2.90 -0.92 -4.39
C SER B 9 -2.77 -0.33 -2.98
N GLY B 10 -3.86 -0.15 -2.23
CA GLY B 10 -3.81 0.11 -0.81
C GLY B 10 -4.21 1.53 -0.44
N PHE B 11 -4.78 2.30 -1.37
CA PHE B 11 -5.08 3.72 -1.21
C PHE B 11 -6.39 4.00 -0.46
N GLU B 12 -7.36 3.07 -0.49
CA GLU B 12 -8.70 3.25 0.05
C GLU B 12 -9.24 1.87 0.43
N VAL B 13 -9.41 0.95 -0.54
CA VAL B 13 -9.23 -0.47 -0.25
C VAL B 13 -7.76 -0.66 0.15
N ARG B 14 -7.51 -1.41 1.22
CA ARG B 14 -6.18 -1.85 1.61
C ARG B 14 -5.61 -2.87 0.59
N HIS B 15 -4.37 -3.31 0.81
CA HIS B 15 -3.68 -4.24 -0.07
C HIS B 15 -4.45 -5.54 -0.20
N GLN B 16 -4.72 -5.95 -1.44
CA GLN B 16 -5.37 -7.21 -1.76
C GLN B 16 -4.35 -8.29 -2.19
N LYS B 17 -3.07 -7.91 -2.35
CA LYS B 17 -1.95 -8.81 -2.60
C LYS B 17 -0.65 -8.19 -2.08
N ASP A 2 10.38 1.32 -7.98
CA ASP A 2 9.99 1.75 -6.62
C ASP A 2 8.47 1.98 -6.52
N ALA A 3 8.00 2.34 -5.30
CA ALA A 3 6.57 2.46 -5.01
C ALA A 3 6.25 3.33 -3.79
N GLU A 4 7.23 3.66 -2.94
CA GLU A 4 7.00 4.28 -1.63
C GLU A 4 6.66 5.78 -1.70
N PHE A 5 6.84 6.39 -2.89
CA PHE A 5 6.30 7.71 -3.23
C PHE A 5 4.76 7.72 -3.19
N GLY A 6 4.13 6.54 -3.29
CA GLY A 6 2.70 6.32 -3.16
C GLY A 6 2.38 5.10 -2.28
N HIS A 7 3.26 4.73 -1.35
CA HIS A 7 3.04 3.67 -0.37
C HIS A 7 3.78 4.01 0.93
N ASP A 8 3.01 4.20 2.00
CA ASP A 8 3.50 4.49 3.36
C ASP A 8 3.27 3.31 4.30
N SER A 9 2.26 2.46 4.02
CA SER A 9 1.73 1.40 4.87
C SER A 9 0.64 0.65 4.07
N GLY A 10 -0.29 -0.08 4.72
CA GLY A 10 -1.38 -0.80 4.05
C GLY A 10 -1.53 -2.26 4.47
N PHE A 11 -1.25 -2.60 5.73
CA PHE A 11 -1.25 -3.98 6.24
C PHE A 11 -2.60 -4.44 6.85
N GLU A 12 -3.45 -3.49 7.27
CA GLU A 12 -4.78 -3.69 7.86
C GLU A 12 -5.41 -2.30 7.94
N VAL A 13 -4.78 -1.38 8.69
CA VAL A 13 -4.84 0.03 8.36
C VAL A 13 -4.29 0.20 6.94
N ARG A 14 -5.00 0.99 6.14
CA ARG A 14 -4.65 1.29 4.76
C ARG A 14 -3.49 2.28 4.69
N HIS A 15 -3.20 2.79 3.48
CA HIS A 15 -2.37 3.95 3.27
C HIS A 15 -2.93 5.14 4.06
N GLN A 16 -2.03 5.91 4.67
CA GLN A 16 -2.34 7.12 5.40
C GLN A 16 -1.59 8.34 4.84
N LYS A 17 -0.73 8.17 3.82
CA LYS A 17 -0.16 9.28 3.06
C LYS A 17 0.34 8.86 1.67
N ASP B 2 12.09 -0.18 -2.90
CA ASP B 2 10.81 -0.63 -3.44
C ASP B 2 9.82 -1.03 -2.32
N ALA B 3 8.55 -1.25 -2.71
CA ALA B 3 7.50 -1.83 -1.88
C ALA B 3 6.46 -2.62 -2.69
N GLU B 4 6.47 -2.57 -4.04
CA GLU B 4 5.45 -3.19 -4.90
C GLU B 4 5.44 -4.72 -4.83
N PHE B 5 6.49 -5.35 -4.28
CA PHE B 5 6.52 -6.78 -3.93
C PHE B 5 5.42 -7.17 -2.93
N GLY B 6 5.00 -6.23 -2.08
CA GLY B 6 3.94 -6.39 -1.08
C GLY B 6 2.82 -5.35 -1.20
N HIS B 7 2.87 -4.48 -2.22
CA HIS B 7 1.88 -3.44 -2.49
C HIS B 7 1.22 -3.70 -3.84
N ASP B 8 -0.12 -3.70 -3.84
CA ASP B 8 -0.96 -3.83 -5.02
C ASP B 8 -1.89 -2.62 -5.16
N SER B 9 -2.40 -2.10 -4.04
CA SER B 9 -3.30 -0.94 -3.95
C SER B 9 -3.16 -0.34 -2.53
N GLY B 10 -4.26 -0.22 -1.76
CA GLY B 10 -4.21 0.20 -0.35
C GLY B 10 -4.81 1.57 -0.08
N PHE B 11 -5.49 2.21 -1.05
CA PHE B 11 -6.07 3.55 -0.93
C PHE B 11 -7.56 3.44 -0.53
N GLU B 12 -8.52 3.33 -1.47
CA GLU B 12 -9.93 3.10 -1.10
C GLU B 12 -10.18 1.61 -0.83
N VAL B 13 -9.61 0.73 -1.67
CA VAL B 13 -9.45 -0.69 -1.43
C VAL B 13 -8.22 -0.91 -0.51
N ARG B 14 -8.11 -2.08 0.12
CA ARG B 14 -6.90 -2.49 0.86
C ARG B 14 -5.84 -3.06 -0.11
N HIS B 15 -4.68 -3.44 0.44
CA HIS B 15 -3.87 -4.51 -0.15
C HIS B 15 -4.70 -5.79 -0.08
N GLN B 16 -4.81 -6.54 -1.20
CA GLN B 16 -5.63 -7.76 -1.28
C GLN B 16 -5.42 -8.57 -2.57
N LYS B 17 -4.84 -8.01 -3.64
CA LYS B 17 -4.62 -8.73 -4.90
C LYS B 17 -3.46 -9.72 -4.76
N ASP A 2 10.74 1.07 -7.39
CA ASP A 2 10.24 1.98 -6.35
C ASP A 2 8.71 2.00 -6.29
N ALA A 3 8.15 2.50 -5.17
CA ALA A 3 6.71 2.43 -4.91
C ALA A 3 6.20 3.46 -3.89
N GLU A 4 7.05 3.92 -2.96
CA GLU A 4 6.65 4.69 -1.78
C GLU A 4 6.49 6.19 -2.05
N PHE A 5 6.54 6.61 -3.34
CA PHE A 5 5.98 7.87 -3.81
C PHE A 5 4.44 7.89 -3.67
N GLY A 6 3.82 6.70 -3.72
CA GLY A 6 2.38 6.47 -3.65
C GLY A 6 2.01 5.39 -2.65
N HIS A 7 2.83 5.16 -1.60
CA HIS A 7 2.63 4.11 -0.61
C HIS A 7 3.26 4.47 0.74
N ASP A 8 2.53 4.05 1.79
CA ASP A 8 3.06 3.67 3.11
C ASP A 8 2.02 2.76 3.77
N SER A 9 2.46 1.64 4.37
CA SER A 9 1.60 0.65 5.01
C SER A 9 0.51 0.13 4.03
N GLY A 10 -0.74 -0.04 4.48
CA GLY A 10 -1.88 -0.35 3.62
C GLY A 10 -2.43 -1.76 3.76
N PHE A 11 -1.92 -2.58 4.70
CA PHE A 11 -2.23 -4.02 4.79
C PHE A 11 -3.56 -4.36 5.47
N GLU A 12 -4.14 -3.47 6.28
CA GLU A 12 -5.45 -3.64 6.94
C GLU A 12 -5.91 -2.27 7.41
N VAL A 13 -5.04 -1.56 8.15
CA VAL A 13 -4.99 -0.11 8.08
C VAL A 13 -4.68 0.26 6.63
N ARG A 14 -5.42 1.23 6.06
CA ARG A 14 -5.18 1.70 4.69
C ARG A 14 -3.94 2.62 4.67
N HIS A 15 -3.64 3.18 3.50
CA HIS A 15 -2.41 3.94 3.26
C HIS A 15 -2.24 5.10 4.25
N GLN A 16 -1.02 5.16 4.80
CA GLN A 16 -0.57 6.12 5.79
C GLN A 16 0.32 7.18 5.12
N LYS A 17 0.73 8.18 5.89
CA LYS A 17 1.42 9.38 5.39
C LYS A 17 2.60 9.69 6.30
N ASP B 2 11.26 0.05 -1.67
CA ASP B 2 10.16 -0.61 -2.37
C ASP B 2 9.03 -1.00 -1.40
N ALA B 3 7.95 -1.52 -1.99
CA ALA B 3 6.74 -1.98 -1.32
C ALA B 3 6.02 -3.07 -2.13
N GLU B 4 6.33 -3.17 -3.43
CA GLU B 4 5.58 -3.90 -4.45
C GLU B 4 5.58 -5.43 -4.28
N PHE B 5 6.45 -5.96 -3.40
CA PHE B 5 6.41 -7.32 -2.88
C PHE B 5 5.06 -7.68 -2.22
N GLY B 6 4.33 -6.68 -1.70
CA GLY B 6 3.01 -6.84 -1.11
C GLY B 6 2.04 -5.69 -1.41
N HIS B 7 2.46 -4.70 -2.21
CA HIS B 7 1.67 -3.55 -2.63
C HIS B 7 1.11 -3.78 -4.04
N ASP B 8 -0.19 -3.53 -4.17
CA ASP B 8 -0.92 -3.36 -5.43
C ASP B 8 -1.54 -1.95 -5.47
N SER B 9 -1.99 -1.46 -4.31
CA SER B 9 -2.64 -0.18 -4.06
C SER B 9 -2.68 0.03 -2.54
N GLY B 10 -3.84 0.27 -1.92
CA GLY B 10 -3.99 0.32 -0.46
C GLY B 10 -4.76 1.54 0.04
N PHE B 11 -5.38 2.34 -0.84
CA PHE B 11 -5.89 3.67 -0.52
C PHE B 11 -7.34 3.73 0.01
N GLU B 12 -8.20 2.72 -0.23
CA GLU B 12 -9.50 2.56 0.44
C GLU B 12 -9.95 1.09 0.41
N VAL B 13 -9.63 0.37 -0.68
CA VAL B 13 -9.31 -1.04 -0.65
C VAL B 13 -7.91 -1.16 -0.01
N ARG B 14 -7.69 -2.14 0.87
CA ARG B 14 -6.37 -2.44 1.43
C ARG B 14 -5.54 -3.30 0.44
N HIS B 15 -4.31 -3.64 0.82
CA HIS B 15 -3.41 -4.48 0.03
C HIS B 15 -4.00 -5.87 -0.19
N GLN B 16 -3.96 -6.35 -1.44
CA GLN B 16 -4.37 -7.68 -1.82
C GLN B 16 -3.42 -8.19 -2.92
N LYS B 17 -3.09 -9.49 -2.86
CA LYS B 17 -2.16 -10.13 -3.77
C LYS B 17 -2.82 -10.35 -5.13
N ASP A 2 9.65 -0.35 -7.02
CA ASP A 2 9.27 0.94 -6.42
C ASP A 2 7.78 0.97 -6.02
N ALA A 3 7.48 1.73 -4.95
CA ALA A 3 6.12 1.87 -4.41
C ALA A 3 5.97 3.00 -3.37
N GLU A 4 7.01 3.32 -2.58
CA GLU A 4 6.89 4.11 -1.35
C GLU A 4 6.59 5.60 -1.55
N PHE A 5 6.62 6.10 -2.78
CA PHE A 5 6.16 7.44 -3.16
C PHE A 5 4.71 7.70 -2.72
N GLY A 6 3.90 6.64 -2.50
CA GLY A 6 2.64 6.70 -1.77
C GLY A 6 2.49 5.56 -0.76
N HIS A 7 3.32 4.50 -0.82
CA HIS A 7 3.26 3.40 0.15
C HIS A 7 4.06 3.75 1.41
N ASP A 8 3.35 4.34 2.37
CA ASP A 8 3.75 4.44 3.77
C ASP A 8 3.45 3.16 4.53
N SER A 9 2.40 2.43 4.12
CA SER A 9 1.85 1.18 4.66
C SER A 9 0.63 0.78 3.82
N GLY A 10 -0.13 -0.23 4.26
CA GLY A 10 -1.46 -0.47 3.71
C GLY A 10 -2.09 -1.83 4.03
N PHE A 11 -1.56 -2.61 4.99
CA PHE A 11 -1.97 -4.00 5.25
C PHE A 11 -3.28 -4.16 6.04
N GLU A 12 -3.69 -3.17 6.85
CA GLU A 12 -4.89 -3.19 7.68
C GLU A 12 -5.22 -1.75 8.05
N VAL A 13 -4.28 -1.05 8.66
CA VAL A 13 -4.07 0.37 8.41
C VAL A 13 -3.83 0.53 6.90
N ARG A 14 -4.54 1.45 6.25
CA ARG A 14 -4.43 1.74 4.83
C ARG A 14 -3.17 2.57 4.52
N HIS A 15 -2.97 2.84 3.23
CA HIS A 15 -2.26 4.04 2.77
C HIS A 15 -2.82 5.27 3.50
N GLN A 16 -1.92 6.16 3.91
CA GLN A 16 -2.23 7.42 4.56
C GLN A 16 -1.30 8.56 4.10
N LYS A 17 -0.37 8.29 3.18
CA LYS A 17 0.46 9.28 2.51
C LYS A 17 -0.34 9.91 1.36
N ASP B 2 12.26 -1.36 -0.53
CA ASP B 2 11.07 -1.25 -1.36
C ASP B 2 9.75 -1.49 -0.60
N ALA B 3 8.65 -1.64 -1.35
CA ALA B 3 7.33 -2.06 -0.88
C ALA B 3 6.48 -2.73 -1.97
N GLU B 4 6.92 -2.76 -3.24
CA GLU B 4 6.16 -3.30 -4.37
C GLU B 4 5.87 -4.81 -4.24
N PHE B 5 6.65 -5.54 -3.43
CA PHE B 5 6.41 -6.94 -3.11
C PHE B 5 5.04 -7.18 -2.44
N GLY B 6 4.51 -6.16 -1.76
CA GLY B 6 3.22 -6.17 -1.11
C GLY B 6 2.36 -4.96 -1.50
N HIS B 7 2.68 -4.31 -2.63
CA HIS B 7 1.97 -3.15 -3.15
C HIS B 7 1.73 -3.29 -4.65
N ASP B 8 0.45 -3.16 -5.02
CA ASP B 8 0.03 -2.25 -6.06
C ASP B 8 -1.25 -1.58 -5.59
N SER B 9 -2.31 -2.37 -5.40
CA SER B 9 -3.67 -1.86 -5.22
C SER B 9 -4.36 -2.47 -4.01
N GLY B 10 -5.51 -1.88 -3.67
CA GLY B 10 -6.14 -1.99 -2.36
C GLY B 10 -5.73 -0.76 -1.56
N PHE B 11 -6.39 0.38 -1.84
CA PHE B 11 -5.95 1.70 -1.38
C PHE B 11 -6.86 2.31 -0.30
N GLU B 12 -8.20 2.32 -0.46
CA GLU B 12 -9.14 2.76 0.57
C GLU B 12 -9.70 1.57 1.37
N VAL B 13 -9.82 0.41 0.70
CA VAL B 13 -9.68 -0.91 1.31
C VAL B 13 -8.18 -1.13 1.64
N ARG B 14 -7.84 -2.03 2.57
CA ARG B 14 -6.45 -2.45 2.76
C ARG B 14 -5.95 -3.22 1.52
N HIS B 15 -4.64 -3.46 1.44
CA HIS B 15 -3.97 -4.02 0.28
C HIS B 15 -4.55 -5.36 -0.15
N GLN B 16 -4.65 -5.54 -1.47
CA GLN B 16 -5.13 -6.75 -2.11
C GLN B 16 -4.20 -7.06 -3.28
N LYS B 17 -3.57 -8.24 -3.24
CA LYS B 17 -2.66 -8.74 -4.26
C LYS B 17 -3.30 -9.89 -5.03
N ASP A 2 11.21 1.87 -7.27
CA ASP A 2 10.61 2.61 -6.16
C ASP A 2 9.10 2.32 -6.03
N ALA A 3 8.51 2.73 -4.89
CA ALA A 3 7.09 2.56 -4.60
C ALA A 3 6.63 3.45 -3.43
N GLU A 4 7.52 3.75 -2.47
CA GLU A 4 7.21 4.41 -1.21
C GLU A 4 7.03 5.93 -1.35
N PHE A 5 7.15 6.47 -2.58
CA PHE A 5 6.63 7.80 -2.96
C PHE A 5 5.10 7.91 -2.76
N GLY A 6 4.41 6.77 -2.66
CA GLY A 6 2.98 6.68 -2.39
C GLY A 6 2.61 5.49 -1.50
N HIS A 7 3.57 4.63 -1.11
CA HIS A 7 3.33 3.47 -0.25
C HIS A 7 3.81 3.73 1.19
N ASP A 8 2.82 3.80 2.08
CA ASP A 8 2.88 3.29 3.45
C ASP A 8 2.09 1.97 3.51
N SER A 9 2.26 1.19 4.59
CA SER A 9 2.04 -0.26 4.56
C SER A 9 0.61 -0.71 4.17
N GLY A 10 -0.43 -0.03 4.67
CA GLY A 10 -1.78 -0.14 4.12
C GLY A 10 -2.55 -1.43 4.46
N PHE A 11 -2.10 -2.23 5.42
CA PHE A 11 -2.56 -3.61 5.68
C PHE A 11 -3.91 -3.76 6.39
N GLU A 12 -4.50 -2.68 6.92
CA GLU A 12 -5.79 -2.68 7.62
C GLU A 12 -6.20 -1.23 7.83
N VAL A 13 -5.37 -0.47 8.56
CA VAL A 13 -5.23 0.96 8.33
C VAL A 13 -4.78 1.10 6.87
N ARG A 14 -5.47 1.94 6.09
CA ARG A 14 -5.21 2.08 4.67
C ARG A 14 -3.90 2.85 4.43
N HIS A 15 -3.56 3.06 3.15
CA HIS A 15 -2.67 4.13 2.74
C HIS A 15 -3.20 5.43 3.35
N GLN A 16 -2.37 6.09 4.15
CA GLN A 16 -2.76 7.30 4.88
C GLN A 16 -2.46 8.51 4.01
N LYS A 17 -3.37 9.49 4.04
CA LYS A 17 -3.30 10.69 3.22
C LYS A 17 -4.05 11.83 3.93
N ASP B 2 11.80 -0.28 -2.23
CA ASP B 2 10.64 -0.77 -2.98
C ASP B 2 9.55 -1.27 -2.02
N ALA B 3 8.37 -1.52 -2.60
CA ALA B 3 7.20 -2.12 -1.95
C ALA B 3 6.30 -2.85 -2.95
N GLU B 4 6.52 -2.66 -4.27
CA GLU B 4 5.67 -3.08 -5.40
C GLU B 4 5.54 -4.60 -5.55
N PHE B 5 6.43 -5.38 -4.91
CA PHE B 5 6.35 -6.83 -4.77
C PHE B 5 5.14 -7.28 -3.94
N GLY B 6 4.68 -6.43 -3.03
CA GLY B 6 3.51 -6.61 -2.19
C GLY B 6 2.50 -5.48 -2.33
N HIS B 7 2.77 -4.48 -3.19
CA HIS B 7 1.90 -3.33 -3.45
C HIS B 7 1.40 -3.40 -4.90
N ASP B 8 0.08 -3.50 -5.03
CA ASP B 8 -0.66 -3.16 -6.25
C ASP B 8 -1.56 -1.93 -6.01
N SER B 9 -1.87 -1.64 -4.73
CA SER B 9 -2.73 -0.55 -4.25
C SER B 9 -2.68 -0.54 -2.71
N GLY B 10 -3.81 -0.24 -2.03
CA GLY B 10 -3.89 -0.14 -0.58
C GLY B 10 -4.71 1.05 -0.10
N PHE B 11 -5.39 1.74 -1.02
CA PHE B 11 -6.31 2.86 -0.79
C PHE B 11 -7.60 2.40 -0.09
N GLU B 12 -8.81 2.70 -0.61
CA GLU B 12 -10.06 2.39 0.09
C GLU B 12 -10.34 0.88 0.24
N VAL B 13 -9.79 0.04 -0.63
CA VAL B 13 -9.50 -1.37 -0.35
C VAL B 13 -8.06 -1.46 0.19
N ARG B 14 -7.87 -2.22 1.27
CA ARG B 14 -6.56 -2.43 1.90
C ARG B 14 -5.69 -3.41 1.12
N HIS B 15 -4.37 -3.39 1.41
CA HIS B 15 -3.43 -4.43 1.00
C HIS B 15 -4.00 -5.82 1.28
N GLN B 16 -3.98 -6.66 0.24
CA GLN B 16 -4.53 -8.00 0.17
C GLN B 16 -4.10 -8.64 -1.16
N LYS B 17 -3.95 -9.96 -1.17
CA LYS B 17 -3.53 -10.73 -2.34
C LYS B 17 -3.86 -12.22 -2.14
N ASP A 2 9.97 0.76 -6.55
CA ASP A 2 8.71 1.27 -7.08
C ASP A 2 7.62 1.24 -6.00
N ALA A 3 6.76 2.28 -6.01
CA ALA A 3 5.56 2.52 -5.21
C ALA A 3 5.82 3.40 -3.96
N GLU A 4 7.09 3.61 -3.57
CA GLU A 4 7.45 4.23 -2.29
C GLU A 4 7.01 5.68 -2.14
N PHE A 5 6.77 6.38 -3.26
CA PHE A 5 6.32 7.77 -3.34
C PHE A 5 4.98 8.05 -2.64
N GLY A 6 4.21 7.01 -2.30
CA GLY A 6 3.02 7.14 -1.46
C GLY A 6 2.72 5.89 -0.64
N HIS A 7 3.65 4.93 -0.54
CA HIS A 7 3.44 3.67 0.15
C HIS A 7 3.87 3.76 1.62
N ASP A 8 2.85 3.71 2.49
CA ASP A 8 2.90 2.97 3.74
C ASP A 8 2.24 1.60 3.49
N SER A 9 2.31 0.71 4.49
CA SER A 9 1.97 -0.69 4.31
C SER A 9 0.47 -0.99 4.38
N GLY A 10 -0.34 -0.12 5.01
CA GLY A 10 -1.78 -0.02 4.78
C GLY A 10 -2.57 -1.33 4.87
N PHE A 11 -2.27 -2.18 5.86
CA PHE A 11 -2.66 -3.59 5.94
C PHE A 11 -4.10 -3.90 6.39
N GLU A 12 -4.84 -2.93 6.95
CA GLU A 12 -6.17 -3.14 7.51
C GLU A 12 -6.91 -1.80 7.47
N VAL A 13 -6.39 -0.82 8.22
CA VAL A 13 -6.41 0.57 7.83
C VAL A 13 -5.63 0.65 6.50
N ARG A 14 -6.23 1.27 5.48
CA ARG A 14 -5.62 1.40 4.15
C ARG A 14 -4.44 2.40 4.17
N HIS A 15 -3.95 2.83 2.99
CA HIS A 15 -2.87 3.81 2.89
C HIS A 15 -3.19 5.09 3.67
N GLN A 16 -2.18 5.63 4.35
CA GLN A 16 -2.25 6.85 5.14
C GLN A 16 -1.07 7.73 4.74
N LYS A 17 -1.35 8.80 4.00
CA LYS A 17 -0.36 9.67 3.35
C LYS A 17 -0.74 11.16 3.43
N ASP B 2 12.23 -1.92 -2.34
CA ASP B 2 11.04 -2.03 -3.18
C ASP B 2 9.79 -2.22 -2.31
N ALA B 3 8.65 -1.72 -2.80
CA ALA B 3 7.33 -1.88 -2.20
C ALA B 3 6.36 -2.62 -3.13
N GLU B 4 6.53 -2.47 -4.46
CA GLU B 4 5.64 -2.97 -5.52
C GLU B 4 5.55 -4.51 -5.56
N PHE B 5 6.53 -5.22 -4.99
CA PHE B 5 6.52 -6.68 -4.82
C PHE B 5 5.31 -7.16 -4.02
N GLY B 6 4.84 -6.33 -3.08
CA GLY B 6 3.71 -6.55 -2.21
C GLY B 6 2.75 -5.36 -2.20
N HIS B 7 2.77 -4.51 -3.25
CA HIS B 7 1.87 -3.39 -3.45
C HIS B 7 1.31 -3.47 -4.87
N ASP B 8 -0.02 -3.61 -4.97
CA ASP B 8 -0.78 -3.22 -6.16
C ASP B 8 -1.41 -1.84 -5.90
N SER B 9 -1.86 -1.60 -4.65
CA SER B 9 -2.39 -0.33 -4.18
C SER B 9 -2.54 -0.35 -2.65
N GLY B 10 -3.66 -0.85 -2.12
CA GLY B 10 -4.11 -0.53 -0.78
C GLY B 10 -4.66 0.90 -0.75
N PHE B 11 -5.50 1.22 -1.74
CA PHE B 11 -6.04 2.53 -2.06
C PHE B 11 -7.10 2.98 -1.03
N GLU B 12 -8.40 2.94 -1.39
CA GLU B 12 -9.51 2.97 -0.42
C GLU B 12 -9.84 1.55 0.07
N VAL B 13 -9.58 0.54 -0.80
CA VAL B 13 -9.23 -0.82 -0.44
C VAL B 13 -7.95 -0.79 0.43
N ARG B 14 -7.66 -1.86 1.17
CA ARG B 14 -6.41 -2.01 1.92
C ARG B 14 -5.51 -3.07 1.28
N HIS B 15 -4.22 -3.10 1.68
CA HIS B 15 -3.32 -4.22 1.40
C HIS B 15 -3.91 -5.50 1.98
N GLN B 16 -3.89 -6.57 1.18
CA GLN B 16 -4.45 -7.86 1.53
C GLN B 16 -3.54 -8.97 1.01
N LYS B 17 -3.63 -10.14 1.66
CA LYS B 17 -2.79 -11.31 1.39
C LYS B 17 -3.37 -12.12 0.23
N ASP A 2 9.76 -0.34 -6.97
CA ASP A 2 9.28 0.86 -6.28
C ASP A 2 7.75 0.88 -6.19
N ALA A 3 7.27 1.61 -5.17
CA ALA A 3 5.87 1.78 -4.81
C ALA A 3 5.67 2.90 -3.78
N GLU A 4 6.71 3.30 -3.05
CA GLU A 4 6.61 4.09 -1.81
C GLU A 4 6.30 5.58 -2.05
N PHE A 5 6.29 6.04 -3.30
CA PHE A 5 5.78 7.35 -3.69
C PHE A 5 4.26 7.47 -3.42
N GLY A 6 3.54 6.34 -3.47
CA GLY A 6 2.12 6.23 -3.13
C GLY A 6 1.85 5.26 -1.98
N HIS A 7 2.88 4.58 -1.45
CA HIS A 7 2.77 3.61 -0.35
C HIS A 7 3.54 4.13 0.87
N ASP A 8 2.81 4.23 1.99
CA ASP A 8 3.29 4.70 3.28
C ASP A 8 3.13 3.65 4.39
N SER A 9 2.38 2.58 4.08
CA SER A 9 1.85 1.52 4.95
C SER A 9 0.89 0.65 4.12
N GLY A 10 0.24 -0.33 4.76
CA GLY A 10 -0.74 -1.19 4.09
C GLY A 10 -0.94 -2.56 4.73
N PHE A 11 -0.52 -2.72 5.99
CA PHE A 11 -0.37 -3.99 6.70
C PHE A 11 -1.50 -4.26 7.71
N GLU A 12 -2.27 -3.24 8.09
CA GLU A 12 -3.37 -3.29 9.07
C GLU A 12 -4.18 -2.00 8.93
N VAL A 13 -3.50 -0.84 9.07
CA VAL A 13 -3.89 0.37 8.34
C VAL A 13 -3.71 0.08 6.84
N ARG A 14 -4.66 0.50 6.01
CA ARG A 14 -4.68 0.06 4.61
C ARG A 14 -3.71 0.80 3.68
N HIS A 15 -3.20 1.92 4.18
CA HIS A 15 -2.59 3.09 3.55
C HIS A 15 -3.10 4.25 4.40
N GLN A 16 -2.31 5.30 4.52
CA GLN A 16 -2.84 6.64 4.81
C GLN A 16 -2.73 7.53 3.57
N LYS A 17 -1.87 7.19 2.60
CA LYS A 17 -1.83 7.80 1.28
C LYS A 17 -2.93 7.18 0.41
N ASP B 2 11.75 -0.72 -0.72
CA ASP B 2 10.63 -1.15 -1.56
C ASP B 2 9.35 -1.36 -0.73
N ALA B 3 8.26 -1.67 -1.44
CA ALA B 3 6.97 -2.11 -0.93
C ALA B 3 6.21 -2.94 -1.97
N GLU B 4 6.63 -2.90 -3.24
CA GLU B 4 5.98 -3.48 -4.42
C GLU B 4 5.85 -5.01 -4.36
N PHE B 5 6.70 -5.68 -3.56
CA PHE B 5 6.59 -7.09 -3.20
C PHE B 5 5.20 -7.45 -2.66
N GLY B 6 4.55 -6.50 -1.96
CA GLY B 6 3.26 -6.64 -1.33
C GLY B 6 2.26 -5.54 -1.70
N HIS B 7 2.60 -4.64 -2.63
CA HIS B 7 1.81 -3.48 -3.00
C HIS B 7 1.48 -3.47 -4.50
N ASP B 8 0.22 -3.11 -4.80
CA ASP B 8 -0.18 -2.52 -6.08
C ASP B 8 -1.07 -1.28 -5.85
N SER B 9 -1.83 -1.25 -4.74
CA SER B 9 -2.72 -0.17 -4.33
C SER B 9 -2.86 -0.17 -2.79
N GLY B 10 -3.93 0.42 -2.26
CA GLY B 10 -4.25 0.42 -0.82
C GLY B 10 -5.05 1.63 -0.35
N PHE B 11 -5.11 2.70 -1.16
CA PHE B 11 -5.67 4.01 -0.83
C PHE B 11 -7.14 3.98 -0.38
N GLU B 12 -8.00 3.20 -1.06
CA GLU B 12 -9.44 3.18 -0.81
C GLU B 12 -10.02 1.79 -1.13
N VAL B 13 -9.60 1.18 -2.26
CA VAL B 13 -9.45 -0.27 -2.28
C VAL B 13 -8.28 -0.57 -1.34
N ARG B 14 -8.47 -1.52 -0.41
CA ARG B 14 -7.45 -1.93 0.57
C ARG B 14 -6.32 -2.68 -0.15
N HIS B 15 -5.24 -3.07 0.56
CA HIS B 15 -4.21 -3.92 -0.04
C HIS B 15 -4.86 -5.22 -0.50
N GLN B 16 -4.65 -5.51 -1.78
CA GLN B 16 -5.01 -6.75 -2.43
C GLN B 16 -3.96 -7.84 -2.14
N LYS B 17 -2.87 -7.52 -1.42
CA LYS B 17 -1.62 -8.26 -1.44
C LYS B 17 -0.76 -7.94 -0.19
N ASP A 2 8.90 1.26 -7.56
CA ASP A 2 8.42 2.41 -6.76
C ASP A 2 6.91 2.31 -6.47
N ALA A 3 6.53 2.67 -5.24
CA ALA A 3 5.16 2.92 -4.79
C ALA A 3 5.10 3.80 -3.54
N GLU A 4 6.24 4.06 -2.86
CA GLU A 4 6.32 4.65 -1.52
C GLU A 4 5.87 6.11 -1.42
N PHE A 5 5.67 6.78 -2.57
CA PHE A 5 5.04 8.10 -2.65
C PHE A 5 3.68 8.16 -1.95
N GLY A 6 2.94 7.04 -1.94
CA GLY A 6 1.75 6.83 -1.12
C GLY A 6 1.88 5.61 -0.21
N HIS A 7 2.82 4.69 -0.51
CA HIS A 7 2.95 3.44 0.22
C HIS A 7 3.83 3.62 1.46
N ASP A 8 3.17 3.75 2.62
CA ASP A 8 3.71 3.40 3.91
C ASP A 8 3.69 1.86 4.04
N SER A 9 2.53 1.26 4.36
CA SER A 9 2.32 -0.18 4.32
C SER A 9 0.87 -0.49 3.91
N GLY A 10 -0.14 0.00 4.64
CA GLY A 10 -1.53 -0.07 4.24
C GLY A 10 -2.19 -1.43 4.53
N PHE A 11 -1.72 -2.17 5.55
CA PHE A 11 -2.03 -3.59 5.77
C PHE A 11 -3.48 -3.93 6.14
N GLU A 12 -4.28 -3.00 6.67
CA GLU A 12 -5.65 -3.25 7.13
C GLU A 12 -6.35 -1.91 7.26
N VAL A 13 -5.75 -0.99 8.02
CA VAL A 13 -5.83 0.42 7.70
C VAL A 13 -5.11 0.58 6.35
N ARG A 14 -5.79 1.17 5.37
CA ARG A 14 -5.26 1.43 4.04
C ARG A 14 -4.10 2.44 4.08
N HIS A 15 -3.48 2.75 2.93
CA HIS A 15 -2.37 3.71 2.79
C HIS A 15 -2.60 4.99 3.59
N GLN A 16 -1.55 5.48 4.26
CA GLN A 16 -1.55 6.75 4.99
C GLN A 16 -0.25 7.50 4.73
N LYS A 17 -0.33 8.83 4.85
CA LYS A 17 0.74 9.81 4.62
C LYS A 17 0.32 11.22 5.09
N ASP B 2 11.70 0.59 -3.13
CA ASP B 2 10.54 -0.16 -3.59
C ASP B 2 9.54 -0.48 -2.47
N ALA B 3 8.46 -1.12 -2.89
CA ALA B 3 7.32 -1.59 -2.10
C ALA B 3 6.46 -2.57 -2.91
N GLU B 4 6.63 -2.60 -4.25
CA GLU B 4 5.85 -3.39 -5.22
C GLU B 4 6.03 -4.91 -5.08
N PHE B 5 7.04 -5.40 -4.33
CA PHE B 5 7.12 -6.79 -3.90
C PHE B 5 5.87 -7.24 -3.14
N GLY B 6 5.30 -6.31 -2.36
CA GLY B 6 4.06 -6.46 -1.64
C GLY B 6 3.22 -5.19 -1.81
N HIS B 7 2.91 -4.84 -3.06
CA HIS B 7 2.03 -3.74 -3.43
C HIS B 7 1.57 -3.84 -4.88
N ASP B 8 0.28 -3.58 -5.08
CA ASP B 8 -0.30 -3.13 -6.35
C ASP B 8 -1.21 -1.91 -6.13
N SER B 9 -1.82 -1.80 -4.93
CA SER B 9 -2.73 -0.74 -4.55
C SER B 9 -2.80 -0.69 -3.02
N GLY B 10 -4.01 -0.73 -2.44
CA GLY B 10 -4.19 -0.53 -1.01
C GLY B 10 -4.37 0.96 -0.67
N PHE B 11 -4.76 1.80 -1.64
CA PHE B 11 -4.97 3.23 -1.43
C PHE B 11 -6.32 3.53 -0.77
N GLU B 12 -7.47 3.32 -1.45
CA GLU B 12 -8.80 3.47 -0.81
C GLU B 12 -9.26 2.13 -0.21
N VAL B 13 -9.10 1.04 -0.97
CA VAL B 13 -9.02 -0.32 -0.45
C VAL B 13 -7.76 -0.42 0.44
N ARG B 14 -7.64 -1.46 1.26
CA ARG B 14 -6.38 -1.80 1.93
C ARG B 14 -5.62 -2.86 1.14
N HIS B 15 -4.38 -3.15 1.56
CA HIS B 15 -3.71 -4.39 1.21
C HIS B 15 -4.49 -5.51 1.89
N GLN B 16 -4.99 -6.44 1.08
CA GLN B 16 -5.86 -7.51 1.54
C GLN B 16 -5.14 -8.87 1.58
N LYS B 17 -3.86 -8.92 1.17
CA LYS B 17 -3.06 -10.15 1.16
C LYS B 17 -2.51 -10.52 2.54
N ASP A 2 10.42 -0.26 -4.92
CA ASP A 2 9.38 0.38 -5.72
C ASP A 2 8.05 0.48 -4.95
N ALA A 3 7.39 1.62 -5.18
CA ALA A 3 6.03 2.02 -4.77
C ALA A 3 5.98 2.88 -3.50
N GLU A 4 7.07 2.95 -2.69
CA GLU A 4 7.10 3.68 -1.42
C GLU A 4 6.89 5.21 -1.56
N PHE A 5 6.99 5.77 -2.77
CA PHE A 5 6.66 7.16 -3.06
C PHE A 5 5.19 7.48 -2.75
N GLY A 6 4.28 6.53 -2.99
CA GLY A 6 2.86 6.63 -2.71
C GLY A 6 2.39 5.58 -1.70
N HIS A 7 3.30 5.00 -0.91
CA HIS A 7 3.01 3.92 0.04
C HIS A 7 3.72 4.13 1.37
N ASP A 8 2.96 3.84 2.44
CA ASP A 8 3.30 3.93 3.84
C ASP A 8 3.75 2.55 4.35
N SER A 9 2.88 1.86 5.09
CA SER A 9 3.07 0.52 5.62
C SER A 9 1.77 -0.26 5.43
N GLY A 10 0.64 0.23 5.95
CA GLY A 10 -0.70 -0.29 5.67
C GLY A 10 -1.22 -1.26 6.72
N PHE A 11 -1.02 -0.96 8.01
CA PHE A 11 -1.24 -1.89 9.12
C PHE A 11 -2.71 -2.13 9.51
N GLU A 12 -3.62 -1.19 9.26
CA GLU A 12 -5.07 -1.34 9.48
C GLU A 12 -5.78 -0.29 8.65
N VAL A 13 -5.42 0.99 8.85
CA VAL A 13 -5.38 1.95 7.76
C VAL A 13 -4.45 1.36 6.70
N ARG A 14 -4.95 1.22 5.47
CA ARG A 14 -4.25 0.49 4.41
C ARG A 14 -3.39 1.41 3.57
N HIS A 15 -3.89 2.62 3.27
CA HIS A 15 -3.06 3.70 2.77
C HIS A 15 -3.35 4.95 3.58
N GLN A 16 -2.28 5.42 4.23
CA GLN A 16 -2.20 6.67 4.98
C GLN A 16 -1.93 7.82 3.99
N LYS A 17 -1.94 9.07 4.50
CA LYS A 17 -2.08 10.32 3.74
C LYS A 17 -0.93 10.70 2.77
N ASP B 2 10.86 -1.64 0.73
CA ASP B 2 10.16 -2.00 -0.50
C ASP B 2 8.64 -1.99 -0.25
N ALA B 3 7.82 -2.22 -1.29
CA ALA B 3 6.38 -2.30 -1.16
C ALA B 3 5.72 -3.09 -2.31
N GLU B 4 6.23 -3.03 -3.54
CA GLU B 4 5.59 -3.59 -4.74
C GLU B 4 5.54 -5.12 -4.77
N PHE B 5 6.18 -5.81 -3.81
CA PHE B 5 5.98 -7.23 -3.52
C PHE B 5 4.50 -7.58 -3.24
N GLY B 6 3.68 -6.59 -2.83
CA GLY B 6 2.24 -6.72 -2.69
C GLY B 6 1.46 -5.43 -2.97
N HIS B 7 2.13 -4.28 -3.11
CA HIS B 7 1.49 -3.02 -3.47
C HIS B 7 1.14 -3.07 -4.96
N ASP B 8 -0.16 -3.19 -5.23
CA ASP B 8 -0.77 -2.69 -6.45
C ASP B 8 -1.27 -1.27 -6.18
N SER B 9 -1.95 -1.09 -5.04
CA SER B 9 -2.52 0.15 -4.53
C SER B 9 -2.75 -0.01 -3.02
N GLY B 10 -3.97 0.17 -2.53
CA GLY B 10 -4.39 -0.08 -1.15
C GLY B 10 -5.28 1.01 -0.55
N PHE B 11 -5.97 1.82 -1.36
CA PHE B 11 -6.68 3.03 -0.93
C PHE B 11 -8.03 2.83 -0.21
N GLU B 12 -8.56 1.59 -0.15
CA GLU B 12 -9.86 1.25 0.42
C GLU B 12 -9.93 -0.28 0.48
N VAL B 13 -10.10 -0.94 -0.68
CA VAL B 13 -9.55 -2.27 -0.89
C VAL B 13 -8.05 -2.19 -0.58
N ARG B 14 -7.56 -3.13 0.25
CA ARG B 14 -6.16 -3.16 0.65
C ARG B 14 -5.25 -3.64 -0.49
N HIS B 15 -3.99 -3.98 -0.19
CA HIS B 15 -3.12 -4.67 -1.12
C HIS B 15 -3.80 -5.95 -1.63
N GLN B 16 -3.99 -6.00 -2.96
CA GLN B 16 -4.54 -7.13 -3.68
C GLN B 16 -3.44 -8.10 -4.12
N LYS B 17 -2.18 -7.63 -4.19
CA LYS B 17 -0.96 -8.43 -4.35
C LYS B 17 -1.02 -9.47 -5.49
N ASP A 2 6.72 0.09 -9.02
CA ASP A 2 6.64 1.37 -8.33
C ASP A 2 5.61 1.30 -7.21
N ALA A 3 5.87 2.02 -6.11
CA ALA A 3 5.03 2.02 -4.91
C ALA A 3 5.42 3.12 -3.93
N GLU A 4 6.71 3.26 -3.63
CA GLU A 4 7.20 3.83 -2.39
C GLU A 4 7.19 5.36 -2.34
N PHE A 5 6.88 6.03 -3.46
CA PHE A 5 6.52 7.44 -3.48
C PHE A 5 5.37 7.73 -2.49
N GLY A 6 4.38 6.81 -2.41
CA GLY A 6 3.16 6.96 -1.64
C GLY A 6 2.81 5.76 -0.78
N HIS A 7 3.62 4.68 -0.79
CA HIS A 7 3.45 3.55 0.10
C HIS A 7 4.01 3.91 1.47
N ASP A 8 3.09 4.37 2.32
CA ASP A 8 3.21 4.52 3.75
C ASP A 8 3.17 3.13 4.43
N SER A 9 2.88 3.09 5.73
CA SER A 9 2.63 1.86 6.47
C SER A 9 1.20 1.35 6.28
N GLY A 10 0.57 1.74 5.16
CA GLY A 10 -0.76 1.32 4.71
C GLY A 10 -0.70 -0.04 4.02
N PHE A 11 -0.08 -1.02 4.68
CA PHE A 11 0.15 -2.37 4.17
C PHE A 11 -0.88 -3.42 4.60
N GLU A 12 -1.78 -3.10 5.55
CA GLU A 12 -2.88 -3.97 5.97
C GLU A 12 -4.06 -3.10 6.41
N VAL A 13 -3.80 -2.09 7.26
CA VAL A 13 -4.56 -0.85 7.22
C VAL A 13 -4.37 -0.25 5.82
N ARG A 14 -5.42 0.35 5.24
CA ARG A 14 -5.32 0.96 3.91
C ARG A 14 -4.38 2.18 3.93
N HIS A 15 -3.83 2.56 2.77
CA HIS A 15 -3.02 3.77 2.58
C HIS A 15 -3.76 4.97 3.14
N GLN A 16 -3.20 5.56 4.20
CA GLN A 16 -3.93 6.40 5.12
C GLN A 16 -4.03 7.86 4.63
N LYS A 17 -3.28 8.22 3.58
CA LYS A 17 -3.21 9.56 3.01
C LYS A 17 -3.90 9.55 1.64
N ASP B 2 11.50 -1.16 -0.01
CA ASP B 2 10.66 -2.26 -0.49
C ASP B 2 9.17 -2.07 -0.12
N ALA B 3 8.28 -2.52 -1.02
CA ALA B 3 6.82 -2.50 -0.86
C ALA B 3 6.09 -3.40 -1.88
N GLU B 4 6.60 -3.54 -3.12
CA GLU B 4 5.94 -4.21 -4.25
C GLU B 4 5.73 -5.72 -4.08
N PHE B 5 6.30 -6.33 -3.04
CA PHE B 5 6.02 -7.73 -2.68
C PHE B 5 4.52 -7.95 -2.36
N GLY B 6 3.81 -6.89 -1.95
CA GLY B 6 2.38 -6.92 -1.70
C GLY B 6 1.65 -5.61 -2.00
N HIS B 7 2.30 -4.62 -2.63
CA HIS B 7 1.68 -3.37 -3.03
C HIS B 7 0.87 -3.52 -4.34
N ASP B 8 -0.02 -2.54 -4.55
CA ASP B 8 -1.15 -2.53 -5.47
C ASP B 8 -1.73 -1.11 -5.47
N SER B 9 -3.04 -0.94 -5.21
CA SER B 9 -3.68 0.36 -5.03
C SER B 9 -3.79 0.64 -3.53
N GLY B 10 -4.68 -0.09 -2.84
CA GLY B 10 -4.71 -0.15 -1.38
C GLY B 10 -5.23 1.11 -0.70
N PHE B 11 -5.98 1.98 -1.40
CA PHE B 11 -6.33 3.34 -0.97
C PHE B 11 -7.57 3.51 -0.09
N GLU B 12 -8.51 2.55 -0.06
CA GLU B 12 -9.61 2.47 0.91
C GLU B 12 -10.18 1.04 0.95
N VAL B 13 -10.23 0.37 -0.20
CA VAL B 13 -9.92 -1.04 -0.29
C VAL B 13 -8.48 -1.22 0.23
N ARG B 14 -8.21 -2.29 1.00
CA ARG B 14 -6.89 -2.54 1.58
C ARG B 14 -5.96 -3.14 0.52
N HIS B 15 -4.69 -3.36 0.91
CA HIS B 15 -3.77 -4.24 0.22
C HIS B 15 -4.41 -5.62 0.00
N GLN B 16 -4.33 -6.11 -1.23
CA GLN B 16 -4.91 -7.38 -1.68
C GLN B 16 -3.82 -8.39 -2.06
N LYS B 17 -2.65 -7.90 -2.50
CA LYS B 17 -1.57 -8.69 -3.07
C LYS B 17 -0.77 -9.33 -1.92
N ASP A 2 8.36 0.40 -8.26
CA ASP A 2 8.11 1.65 -7.55
C ASP A 2 6.80 1.62 -6.75
N ALA A 3 6.71 2.45 -5.69
CA ALA A 3 5.51 2.72 -4.88
C ALA A 3 5.78 3.60 -3.65
N GLU A 4 6.99 3.54 -3.07
CA GLU A 4 7.27 3.91 -1.67
C GLU A 4 6.88 5.34 -1.27
N PHE A 5 6.92 6.29 -2.23
CA PHE A 5 6.59 7.70 -2.06
C PHE A 5 5.19 7.96 -1.50
N GLY A 6 4.18 7.18 -1.94
CA GLY A 6 2.80 7.30 -1.50
C GLY A 6 2.31 6.07 -0.74
N HIS A 7 3.21 5.16 -0.33
CA HIS A 7 2.87 3.85 0.19
C HIS A 7 2.83 3.79 1.72
N ASP A 8 1.89 2.98 2.20
CA ASP A 8 1.92 2.37 3.52
C ASP A 8 1.26 0.98 3.45
N SER A 9 1.50 0.17 4.49
CA SER A 9 1.63 -1.28 4.36
C SER A 9 0.34 -2.11 4.51
N GLY A 10 -0.79 -1.51 4.93
CA GLY A 10 -2.12 -2.11 4.70
C GLY A 10 -2.86 -2.65 5.94
N PHE A 11 -2.22 -2.77 7.10
CA PHE A 11 -2.76 -3.55 8.23
C PHE A 11 -3.80 -2.83 9.10
N GLU A 12 -3.89 -1.49 9.06
CA GLU A 12 -4.82 -0.66 9.84
C GLU A 12 -4.76 0.76 9.31
N VAL A 13 -3.55 1.30 9.14
CA VAL A 13 -3.28 2.21 8.04
C VAL A 13 -3.38 1.40 6.75
N ARG A 14 -4.11 1.91 5.76
CA ARG A 14 -4.13 1.36 4.41
C ARG A 14 -3.19 2.23 3.58
N HIS A 15 -3.74 3.20 2.85
CA HIS A 15 -3.00 4.34 2.32
C HIS A 15 -3.62 5.61 2.90
N GLN A 16 -2.79 6.60 3.25
CA GLN A 16 -3.16 7.86 3.89
C GLN A 16 -2.23 8.99 3.42
N LYS A 17 -2.75 10.22 3.48
CA LYS A 17 -1.99 11.44 3.22
C LYS A 17 -1.71 12.16 4.55
N ASP B 2 11.65 -0.67 -0.55
CA ASP B 2 10.77 -1.28 -1.54
C ASP B 2 9.38 -1.53 -0.90
N ALA B 3 8.39 -1.84 -1.76
CA ALA B 3 7.01 -2.09 -1.38
C ALA B 3 6.25 -2.94 -2.40
N GLU B 4 6.62 -2.86 -3.70
CA GLU B 4 5.85 -3.44 -4.81
C GLU B 4 5.89 -4.98 -4.88
N PHE B 5 6.68 -5.65 -4.01
CA PHE B 5 6.56 -7.08 -3.75
C PHE B 5 5.17 -7.49 -3.23
N GLY B 6 4.49 -6.56 -2.53
CA GLY B 6 3.18 -6.76 -1.91
C GLY B 6 2.23 -5.57 -2.11
N HIS B 7 2.65 -4.53 -2.84
CA HIS B 7 1.82 -3.39 -3.23
C HIS B 7 1.39 -3.55 -4.68
N ASP B 8 0.07 -3.47 -4.88
CA ASP B 8 -0.61 -3.20 -6.14
C ASP B 8 -1.25 -1.80 -6.08
N SER B 9 -1.81 -1.46 -4.92
CA SER B 9 -2.35 -0.15 -4.58
C SER B 9 -2.62 -0.09 -3.07
N GLY B 10 -3.76 -0.63 -2.61
CA GLY B 10 -4.15 -0.60 -1.20
C GLY B 10 -4.83 0.72 -0.82
N PHE B 11 -5.70 1.22 -1.70
CA PHE B 11 -6.25 2.58 -1.67
C PHE B 11 -7.28 2.86 -0.57
N GLU B 12 -8.03 1.85 -0.11
CA GLU B 12 -9.05 1.94 0.92
C GLU B 12 -9.28 0.53 1.47
N VAL B 13 -9.67 -0.40 0.59
CA VAL B 13 -9.27 -1.79 0.71
C VAL B 13 -7.75 -1.82 0.61
N ARG B 14 -7.07 -2.57 1.50
CA ARG B 14 -5.62 -2.74 1.44
C ARG B 14 -5.21 -3.58 0.21
N HIS B 15 -3.89 -3.83 0.06
CA HIS B 15 -3.31 -4.46 -1.11
C HIS B 15 -4.02 -5.79 -1.44
N GLN B 16 -4.44 -5.95 -2.69
CA GLN B 16 -5.34 -7.01 -3.10
C GLN B 16 -4.60 -8.16 -3.82
N LYS B 17 -3.38 -7.92 -4.31
CA LYS B 17 -2.54 -8.92 -4.99
C LYS B 17 -2.07 -10.06 -4.07
N ASP A 2 10.00 2.85 -6.67
CA ASP A 2 8.65 3.27 -7.02
C ASP A 2 7.62 2.81 -5.97
N ALA A 3 6.59 3.65 -5.79
CA ALA A 3 5.35 3.45 -5.03
C ALA A 3 5.46 3.82 -3.54
N GLU A 4 6.67 4.09 -3.02
CA GLU A 4 6.94 4.30 -1.59
C GLU A 4 6.28 5.57 -1.01
N PHE A 5 5.91 6.54 -1.85
CA PHE A 5 5.49 7.88 -1.46
C PHE A 5 4.26 7.91 -0.54
N GLY A 6 3.31 7.00 -0.75
CA GLY A 6 2.14 6.80 0.09
C GLY A 6 2.04 5.36 0.64
N HIS A 7 2.99 4.48 0.29
CA HIS A 7 3.04 3.11 0.75
C HIS A 7 3.75 3.01 2.11
N ASP A 8 3.35 2.00 2.89
CA ASP A 8 3.32 2.05 4.34
C ASP A 8 2.91 0.68 4.92
N SER A 9 2.50 0.62 6.20
CA SER A 9 1.84 -0.54 6.79
C SER A 9 0.71 -1.03 5.89
N GLY A 10 -0.21 -0.11 5.53
CA GLY A 10 -1.16 -0.26 4.44
C GLY A 10 -2.23 -1.33 4.68
N PHE A 11 -2.23 -2.01 5.84
CA PHE A 11 -2.93 -3.27 6.06
C PHE A 11 -4.27 -3.14 6.80
N GLU A 12 -4.71 -1.93 7.11
CA GLU A 12 -5.99 -1.62 7.76
C GLU A 12 -6.38 -0.19 7.38
N VAL A 13 -5.45 0.74 7.64
CA VAL A 13 -5.27 1.97 6.89
C VAL A 13 -5.00 1.62 5.42
N ARG A 14 -5.50 2.43 4.48
CA ARG A 14 -5.48 2.09 3.05
C ARG A 14 -4.18 2.53 2.38
N HIS A 15 -3.49 3.51 2.96
CA HIS A 15 -2.22 4.12 2.54
C HIS A 15 -1.95 5.35 3.42
N GLN A 16 -0.67 5.69 3.60
CA GLN A 16 -0.22 6.85 4.37
C GLN A 16 0.92 7.55 3.65
N LYS A 17 0.64 8.76 3.13
CA LYS A 17 1.66 9.72 2.72
C LYS A 17 2.09 10.52 3.96
N ASP B 2 12.15 0.14 -3.43
CA ASP B 2 10.89 -0.10 -4.13
C ASP B 2 9.73 -0.34 -3.13
N ALA B 3 8.60 -0.85 -3.63
CA ALA B 3 7.43 -1.23 -2.83
C ALA B 3 6.49 -2.18 -3.57
N GLU B 4 6.61 -2.29 -4.91
CA GLU B 4 5.67 -2.99 -5.78
C GLU B 4 5.79 -4.53 -5.75
N PHE B 5 6.84 -5.06 -5.14
CA PHE B 5 6.94 -6.48 -4.77
C PHE B 5 5.81 -6.91 -3.83
N GLY B 6 5.25 -5.93 -3.09
CA GLY B 6 4.12 -6.08 -2.18
C GLY B 6 3.18 -4.88 -2.29
N HIS B 7 3.00 -4.31 -3.50
CA HIS B 7 2.02 -3.26 -3.76
C HIS B 7 1.36 -3.41 -5.13
N ASP B 8 0.04 -3.22 -5.11
CA ASP B 8 -0.91 -3.22 -6.22
C ASP B 8 -2.31 -2.90 -5.65
N SER B 9 -2.60 -3.39 -4.43
CA SER B 9 -3.72 -2.96 -3.59
C SER B 9 -3.22 -1.97 -2.51
N GLY B 10 -4.15 -1.45 -1.71
CA GLY B 10 -3.89 -0.33 -0.81
C GLY B 10 -4.15 0.98 -1.54
N PHE B 11 -5.43 1.40 -1.58
CA PHE B 11 -5.92 2.58 -2.28
C PHE B 11 -7.35 2.98 -1.86
N GLU B 12 -8.15 2.02 -1.38
CA GLU B 12 -9.54 2.14 -0.91
C GLU B 12 -9.92 0.81 -0.27
N VAL B 13 -9.68 -0.29 -1.01
CA VAL B 13 -9.30 -1.55 -0.41
C VAL B 13 -7.94 -1.31 0.30
N ARG B 14 -7.77 -1.82 1.52
CA ARG B 14 -6.44 -1.88 2.13
C ARG B 14 -5.67 -3.07 1.54
N HIS B 15 -4.37 -3.19 1.86
CA HIS B 15 -3.52 -4.26 1.34
C HIS B 15 -4.09 -5.63 1.69
N GLN B 16 -4.22 -6.45 0.65
CA GLN B 16 -4.73 -7.81 0.71
C GLN B 16 -3.58 -8.73 1.16
N LYS B 17 -3.87 -9.62 2.12
CA LYS B 17 -2.93 -10.43 2.91
C LYS B 17 -3.63 -10.96 4.18
N ASP A 2 11.32 4.68 -6.51
CA ASP A 2 10.30 5.43 -5.80
C ASP A 2 8.97 4.68 -5.80
N ALA A 3 8.51 4.32 -4.59
CA ALA A 3 7.19 3.75 -4.34
C ALA A 3 6.69 4.09 -2.94
N GLU A 4 7.57 3.93 -1.93
CA GLU A 4 7.29 4.05 -0.51
C GLU A 4 6.82 5.46 -0.08
N PHE A 5 7.09 6.49 -0.90
CA PHE A 5 6.75 7.89 -0.67
C PHE A 5 5.24 8.12 -0.44
N GLY A 6 4.40 7.23 -0.98
CA GLY A 6 2.97 7.23 -0.78
C GLY A 6 2.44 5.81 -0.56
N HIS A 7 3.20 4.95 0.14
CA HIS A 7 2.89 3.54 0.32
C HIS A 7 3.14 3.01 1.73
N ASP A 8 2.30 2.02 2.05
CA ASP A 8 2.26 1.19 3.25
C ASP A 8 1.36 -0.03 2.94
N SER A 9 0.89 -0.77 3.95
CA SER A 9 0.04 -1.94 3.75
C SER A 9 -1.46 -1.63 3.86
N GLY A 10 -1.85 -0.60 4.61
CA GLY A 10 -3.17 -0.01 4.48
C GLY A 10 -4.30 -0.71 5.25
N PHE A 11 -4.00 -1.51 6.28
CA PHE A 11 -4.92 -2.46 6.92
C PHE A 11 -5.94 -1.86 7.91
N GLU A 12 -5.78 -0.63 8.43
CA GLU A 12 -6.85 0.09 9.16
C GLU A 12 -6.73 1.60 8.97
N VAL A 13 -5.53 2.16 9.17
CA VAL A 13 -5.08 3.31 8.41
C VAL A 13 -4.77 2.78 7.01
N ARG A 14 -5.33 3.42 5.98
CA ARG A 14 -5.12 3.08 4.58
C ARG A 14 -3.89 3.84 4.04
N HIS A 15 -3.56 3.64 2.76
CA HIS A 15 -2.46 4.30 2.07
C HIS A 15 -2.39 5.80 2.39
N GLN A 16 -1.24 6.21 2.92
CA GLN A 16 -0.91 7.58 3.27
C GLN A 16 -0.10 8.20 2.13
N LYS A 17 0.01 9.53 2.11
CA LYS A 17 0.77 10.26 1.09
C LYS A 17 1.07 11.67 1.61
N ASP B 2 11.91 0.00 -3.03
CA ASP B 2 10.59 0.03 -3.66
C ASP B 2 9.52 -0.71 -2.82
N ALA B 3 8.41 -1.12 -3.45
CA ALA B 3 7.25 -1.73 -2.80
C ALA B 3 6.47 -2.69 -3.72
N GLU B 4 6.65 -2.57 -5.05
CA GLU B 4 5.73 -3.07 -6.06
C GLU B 4 5.80 -4.60 -6.27
N PHE B 5 6.78 -5.27 -5.64
CA PHE B 5 6.81 -6.72 -5.43
C PHE B 5 5.61 -7.25 -4.63
N GLY B 6 4.93 -6.38 -3.88
CA GLY B 6 3.76 -6.70 -3.09
C GLY B 6 2.71 -5.58 -3.10
N HIS B 7 2.87 -4.53 -3.92
CA HIS B 7 1.93 -3.41 -4.01
C HIS B 7 1.18 -3.41 -5.35
N ASP B 8 -0.12 -3.12 -5.25
CA ASP B 8 -0.97 -2.65 -6.34
C ASP B 8 -2.00 -1.61 -5.84
N SER B 9 -2.25 -1.56 -4.53
CA SER B 9 -3.21 -0.67 -3.88
C SER B 9 -2.96 -0.63 -2.36
N GLY B 10 -4.01 -0.62 -1.52
CA GLY B 10 -3.93 -0.44 -0.07
C GLY B 10 -4.73 0.76 0.43
N PHE B 11 -5.52 1.42 -0.42
CA PHE B 11 -6.18 2.71 -0.16
C PHE B 11 -7.65 2.63 0.31
N GLU B 12 -8.32 1.47 0.18
CA GLU B 12 -9.59 1.18 0.84
C GLU B 12 -9.77 -0.34 0.97
N VAL B 13 -9.51 -1.07 -0.12
CA VAL B 13 -8.96 -2.40 -0.09
C VAL B 13 -7.57 -2.28 0.57
N ARG B 14 -7.23 -3.20 1.47
CA ARG B 14 -5.88 -3.29 2.04
C ARG B 14 -5.00 -4.22 1.20
N HIS B 15 -3.69 -4.23 1.49
CA HIS B 15 -2.73 -5.11 0.81
C HIS B 15 -3.10 -6.58 1.03
N GLN B 16 -2.96 -7.37 -0.04
CA GLN B 16 -3.37 -8.76 -0.09
C GLN B 16 -2.65 -9.51 -1.21
N LYS B 17 -2.59 -10.84 -1.09
CA LYS B 17 -1.69 -11.70 -1.86
C LYS B 17 -2.41 -12.97 -2.32
N ASP A 2 10.79 0.88 -4.16
CA ASP A 2 9.71 1.13 -5.10
C ASP A 2 8.34 0.93 -4.42
N ALA A 3 7.39 1.81 -4.81
CA ALA A 3 5.96 1.85 -4.50
C ALA A 3 5.60 2.73 -3.29
N GLU A 4 6.59 3.28 -2.57
CA GLU A 4 6.37 4.10 -1.38
C GLU A 4 5.77 5.48 -1.69
N PHE A 5 5.66 5.87 -2.98
CA PHE A 5 4.92 7.04 -3.43
C PHE A 5 3.40 6.92 -3.22
N GLY A 6 2.89 5.68 -3.05
CA GLY A 6 1.51 5.37 -2.73
C GLY A 6 1.39 4.35 -1.58
N HIS A 7 2.46 4.09 -0.83
CA HIS A 7 2.48 3.11 0.25
C HIS A 7 3.30 3.63 1.44
N ASP A 8 2.66 3.66 2.61
CA ASP A 8 3.29 4.03 3.87
C ASP A 8 4.15 2.89 4.43
N SER A 9 3.50 1.75 4.70
CA SER A 9 4.00 0.62 5.46
C SER A 9 2.93 -0.49 5.42
N GLY A 10 1.66 -0.13 5.65
CA GLY A 10 0.50 -0.96 5.31
C GLY A 10 0.18 -2.09 6.27
N PHE A 11 0.84 -2.17 7.44
CA PHE A 11 0.83 -3.35 8.31
C PHE A 11 -0.41 -3.53 9.19
N GLU A 12 -1.18 -2.46 9.43
CA GLU A 12 -2.37 -2.39 10.28
C GLU A 12 -2.96 -1.01 10.05
N VAL A 13 -2.15 0.04 10.28
CA VAL A 13 -2.22 1.30 9.56
C VAL A 13 -2.10 1.02 8.06
N ARG A 14 -2.70 1.87 7.21
CA ARG A 14 -2.62 1.72 5.76
C ARG A 14 -2.89 3.02 5.03
N HIS A 15 -1.96 3.35 4.13
CA HIS A 15 -2.00 4.43 3.15
C HIS A 15 -2.17 5.81 3.80
N GLN A 16 -1.48 6.03 4.93
CA GLN A 16 -1.49 7.26 5.71
C GLN A 16 -0.23 8.10 5.46
N LYS A 17 -0.37 9.41 5.32
CA LYS A 17 0.74 10.35 5.15
C LYS A 17 0.62 11.51 6.15
N ASP B 2 11.13 -0.55 1.11
CA ASP B 2 10.35 -1.42 0.23
C ASP B 2 8.85 -1.20 0.42
N ALA B 3 8.05 -1.59 -0.58
CA ALA B 3 6.59 -1.53 -0.54
C ALA B 3 5.93 -2.43 -1.60
N GLU B 4 6.55 -2.58 -2.79
CA GLU B 4 5.96 -3.28 -3.93
C GLU B 4 5.82 -4.80 -3.71
N PHE B 5 6.50 -5.35 -2.69
CA PHE B 5 6.34 -6.73 -2.23
C PHE B 5 4.87 -7.12 -1.97
N GLY B 6 4.02 -6.13 -1.67
CA GLY B 6 2.58 -6.28 -1.54
C GLY B 6 1.78 -5.16 -2.22
N HIS B 7 2.40 -4.10 -2.75
CA HIS B 7 1.68 -2.95 -3.31
C HIS B 7 1.69 -2.95 -4.84
N ASP B 8 0.49 -2.89 -5.43
CA ASP B 8 0.23 -2.24 -6.71
C ASP B 8 -0.74 -1.06 -6.52
N SER B 9 -1.56 -1.11 -5.46
CA SER B 9 -2.60 -0.13 -5.13
C SER B 9 -3.03 -0.29 -3.67
N GLY B 10 -4.31 -0.06 -3.35
CA GLY B 10 -4.84 0.06 -2.00
C GLY B 10 -5.67 1.34 -1.82
N PHE B 11 -6.14 1.94 -2.93
CA PHE B 11 -7.06 3.07 -2.98
C PHE B 11 -8.48 2.63 -2.57
N GLU B 12 -9.50 2.65 -3.45
CA GLU B 12 -10.88 2.33 -3.07
C GLU B 12 -11.06 0.84 -2.79
N VAL B 13 -10.40 -0.02 -3.58
CA VAL B 13 -10.13 -1.41 -3.24
C VAL B 13 -8.87 -1.42 -2.39
N ARG B 14 -8.84 -2.26 -1.35
CA ARG B 14 -7.69 -2.43 -0.48
C ARG B 14 -6.63 -3.32 -1.14
N HIS B 15 -5.54 -3.61 -0.42
CA HIS B 15 -4.46 -4.47 -0.87
C HIS B 15 -4.98 -5.88 -1.21
N GLN B 16 -4.82 -6.29 -2.48
CA GLN B 16 -5.15 -7.62 -2.97
C GLN B 16 -4.43 -7.88 -4.31
N LYS B 17 -4.18 -9.16 -4.60
CA LYS B 17 -3.39 -9.61 -5.73
C LYS B 17 -4.33 -10.11 -6.84
N ASP A 2 7.99 2.60 -8.31
CA ASP A 2 7.57 3.61 -7.34
C ASP A 2 6.21 3.25 -6.72
N ALA A 3 6.08 3.52 -5.41
CA ALA A 3 4.85 3.38 -4.61
C ALA A 3 5.00 3.94 -3.18
N GLU A 4 6.22 4.09 -2.66
CA GLU A 4 6.53 4.29 -1.24
C GLU A 4 5.95 5.58 -0.64
N PHE A 5 5.66 6.59 -1.47
CA PHE A 5 5.14 7.90 -1.06
C PHE A 5 3.86 7.80 -0.22
N GLY A 6 2.92 6.94 -0.60
CA GLY A 6 1.65 6.72 0.08
C GLY A 6 1.47 5.27 0.57
N HIS A 7 2.38 4.37 0.20
CA HIS A 7 2.42 3.00 0.70
C HIS A 7 3.01 2.95 2.12
N ASP A 8 2.73 1.85 2.84
CA ASP A 8 2.77 1.81 4.30
C ASP A 8 2.88 0.37 4.85
N SER A 9 2.63 0.19 6.17
CA SER A 9 2.80 -1.09 6.86
C SER A 9 1.53 -1.97 6.86
N GLY A 10 0.34 -1.39 6.70
CA GLY A 10 -0.86 -2.10 6.26
C GLY A 10 -1.69 -2.79 7.36
N PHE A 11 -1.48 -2.48 8.64
CA PHE A 11 -2.10 -3.19 9.75
C PHE A 11 -2.87 -2.32 10.77
N GLU A 12 -2.74 -0.99 10.69
CA GLU A 12 -3.36 -0.01 11.60
C GLU A 12 -3.20 1.38 10.98
N VAL A 13 -1.97 1.69 10.56
CA VAL A 13 -1.73 2.47 9.36
C VAL A 13 -2.26 1.70 8.15
N ARG A 14 -2.97 2.39 7.27
CA ARG A 14 -3.28 1.95 5.90
C ARG A 14 -2.77 3.01 4.92
N HIS A 15 -3.00 2.81 3.61
CA HIS A 15 -2.51 3.72 2.57
C HIS A 15 -2.91 5.18 2.88
N GLN A 16 -1.93 6.07 2.73
CA GLN A 16 -2.01 7.48 3.07
C GLN A 16 -2.93 8.15 2.04
N LYS A 17 -4.22 8.28 2.41
CA LYS A 17 -5.34 8.42 1.48
C LYS A 17 -6.52 9.10 2.23
N ASP B 2 12.07 0.27 -3.16
CA ASP B 2 10.78 0.07 -3.84
C ASP B 2 9.72 -0.39 -2.83
N ALA B 3 8.61 -0.98 -3.31
CA ALA B 3 7.56 -1.59 -2.52
C ALA B 3 6.65 -2.51 -3.33
N GLU B 4 6.72 -2.48 -4.67
CA GLU B 4 5.82 -3.19 -5.58
C GLU B 4 6.00 -4.72 -5.55
N PHE B 5 7.03 -5.24 -4.86
CA PHE B 5 7.16 -6.66 -4.55
C PHE B 5 6.01 -7.16 -3.67
N GLY B 6 5.37 -6.25 -2.91
CA GLY B 6 4.18 -6.48 -2.12
C GLY B 6 3.11 -5.41 -2.35
N HIS B 7 3.08 -4.73 -3.50
CA HIS B 7 2.11 -3.68 -3.83
C HIS B 7 1.75 -3.72 -5.32
N ASP B 8 0.45 -3.56 -5.60
CA ASP B 8 -0.07 -3.10 -6.89
C ASP B 8 -1.04 -1.92 -6.70
N SER B 9 -1.64 -1.77 -5.50
CA SER B 9 -2.62 -0.74 -5.19
C SER B 9 -2.79 -0.53 -3.67
N GLY B 10 -4.02 -0.45 -3.17
CA GLY B 10 -4.35 0.13 -1.87
C GLY B 10 -5.09 1.47 -2.01
N PHE B 11 -5.68 1.74 -3.18
CA PHE B 11 -6.58 2.88 -3.42
C PHE B 11 -7.99 2.57 -2.89
N GLU B 12 -9.06 2.66 -3.70
CA GLU B 12 -10.43 2.48 -3.25
C GLU B 12 -10.69 1.05 -2.74
N VAL B 13 -10.02 0.04 -3.31
CA VAL B 13 -9.79 -1.24 -2.65
C VAL B 13 -8.53 -1.13 -1.81
N ARG B 14 -8.58 -1.67 -0.59
CA ARG B 14 -7.45 -1.75 0.33
C ARG B 14 -6.59 -2.98 -0.04
N HIS B 15 -5.33 -3.02 0.44
CA HIS B 15 -4.33 -4.02 0.07
C HIS B 15 -4.88 -5.46 0.07
N GLN B 16 -4.75 -6.14 -1.07
CA GLN B 16 -5.55 -7.31 -1.42
C GLN B 16 -4.91 -8.60 -0.93
N LYS B 17 -3.58 -8.74 -1.07
CA LYS B 17 -2.81 -9.90 -0.60
C LYS B 17 -1.33 -9.54 -0.43
#